data_5UN9
#
_entry.id   5UN9
#
_cell.length_a   82.572
_cell.length_b   96.106
_cell.length_c   89.534
_cell.angle_alpha   90.00
_cell.angle_beta   115.01
_cell.angle_gamma   90.00
#
_symmetry.space_group_name_H-M   'P 1 21 1'
#
loop_
_entity.id
_entity.type
_entity.pdbx_description
1 polymer 'Protein O-GlcNAcase'
2 non-polymer (3AR,5R,6S,7R,7AR)-2-(ETHYLAMINO)-5-(HYDROXYMETHYL)-5,6,7,7A-TETRAHYDRO-3AH-PYRANO[3,2-D][1,3]THIAZOLE-6,7-DIOL
3 water water
#
_entity_poly.entity_id   1
_entity_poly.type   'polypeptide(L)'
_entity_poly.pdbx_seq_one_letter_code
;HFLCGVVEGFYGRPWVMEQRKELFRRLQKWELNTYLYAPKDDYKHRMFWREMYSVEEAEQLMTLISAAREYEIEFIYAIS
PGLDITFSNPKEVSTLKRKLDQVSQFGCRSFALLFDDIDHNMCAADKEVFSSFAHAQVSITNEIYQYLGEPETFLFCPTE
YCGTFCYPNVSQSPYLRTVGEKLLPGIEVLWTGPKVVSKEIPVESIEEVSKIIKRAPVIWDNIHANDYDQKRLFLGPYKG
RSTELIPRLKGVLTNPNCEFEANYVAIHTLATWYKSNMNGVRKDVVMTDSEDSTVSIQIKLENEGSDEDIETDVLYSPQM
ALKLALTEWLQEFGVPHQYSSRGGGGSGGGGSVTLEDLQLLADLFYLPYEHGPKGAQMLREFQWLRANSSVVSVNCKGKD
SEKIEEWRSRAAKFEEMCGLVMGMFTRLSNCANRTILYDMYSYVWDIKSIMSMVKSFVQWLGCRSHSSAQFLIGDQEPWA
FRGGLAGEFQRLLPIDGANDLFFQ
;
_entity_poly.pdbx_strand_id   A,B
#
loop_
_chem_comp.id
_chem_comp.type
_chem_comp.name
_chem_comp.formula
NHT non-polymer (3AR,5R,6S,7R,7AR)-2-(ETHYLAMINO)-5-(HYDROXYMETHYL)-5,6,7,7A-TETRAHYDRO-3AH-PYRANO[3,2-D][1,3]THIAZOLE-6,7-DIOL 'C9 H16 N2 O4 S'
#
# COMPACT_ATOMS: atom_id res chain seq x y z
N HIS A 1 31.34 3.06 -20.39
CA HIS A 1 30.13 3.36 -21.15
C HIS A 1 29.07 4.05 -20.26
N PHE A 2 28.05 4.56 -20.93
CA PHE A 2 27.02 5.34 -20.25
C PHE A 2 26.01 4.40 -19.62
N LEU A 3 25.73 4.60 -18.32
CA LEU A 3 24.87 3.68 -17.56
C LEU A 3 23.41 4.11 -17.62
N CYS A 4 22.53 3.18 -17.96
CA CYS A 4 21.12 3.54 -18.04
C CYS A 4 20.31 2.34 -17.60
N GLY A 5 19.47 2.54 -16.59
CA GLY A 5 18.65 1.45 -16.09
C GLY A 5 17.86 1.91 -14.88
N VAL A 6 17.89 1.08 -13.83
CA VAL A 6 17.03 1.23 -12.66
C VAL A 6 17.86 1.14 -11.40
N VAL A 7 17.57 2.01 -10.43
CA VAL A 7 17.99 1.84 -9.04
C VAL A 7 16.77 1.46 -8.24
N GLU A 8 16.84 0.34 -7.52
CA GLU A 8 15.81 0.04 -6.56
C GLU A 8 16.32 0.68 -5.28
N GLY A 9 15.97 1.97 -5.09
CA GLY A 9 16.53 2.79 -4.03
C GLY A 9 15.55 3.51 -3.13
N PHE A 10 14.36 2.95 -2.99
CA PHE A 10 13.26 3.59 -2.31
C PHE A 10 13.05 2.99 -0.92
N TYR A 11 12.35 3.75 -0.11
CA TYR A 11 11.96 3.32 1.22
C TYR A 11 10.78 2.35 1.16
N GLY A 12 10.76 1.40 2.12
CA GLY A 12 9.64 0.48 2.35
C GLY A 12 9.94 -0.93 1.86
N ARG A 13 8.86 -1.70 1.64
CA ARG A 13 9.07 -3.07 1.20
C ARG A 13 9.82 -3.10 -0.13
N PRO A 14 11.02 -3.66 -0.16
CA PRO A 14 11.78 -3.75 -1.41
C PRO A 14 11.27 -4.90 -2.27
N TRP A 15 11.80 -4.98 -3.49
CA TRP A 15 11.42 -6.08 -4.37
C TRP A 15 12.03 -7.41 -3.91
N VAL A 16 11.35 -8.50 -4.28
CA VAL A 16 11.85 -9.82 -3.94
C VAL A 16 12.66 -10.35 -5.12
N MET A 17 13.25 -11.52 -4.97
CA MET A 17 14.23 -11.98 -5.95
C MET A 17 13.59 -12.33 -7.28
N GLU A 18 12.41 -12.94 -7.26
CA GLU A 18 11.72 -13.26 -8.51
C GLU A 18 11.28 -11.99 -9.24
N GLN A 19 11.07 -10.88 -8.52
CA GLN A 19 10.72 -9.63 -9.20
C GLN A 19 11.95 -9.03 -9.87
N ARG A 20 13.11 -9.19 -9.23
CA ARG A 20 14.31 -8.58 -9.78
C ARG A 20 14.83 -9.34 -10.99
N LYS A 21 14.69 -10.65 -11.00
CA LYS A 21 15.06 -11.38 -12.18
C LYS A 21 14.22 -10.90 -13.36
N GLU A 22 12.90 -10.71 -13.12
CA GLU A 22 12.02 -10.20 -14.16
C GLU A 22 12.44 -8.81 -14.61
N LEU A 23 13.08 -8.05 -13.71
CA LEU A 23 13.48 -6.70 -14.08
C LEU A 23 14.65 -6.75 -15.05
N PHE A 24 15.59 -7.65 -14.80
CA PHE A 24 16.72 -7.79 -15.71
C PHE A 24 16.25 -8.15 -17.10
N ARG A 25 15.22 -9.01 -17.21
CA ARG A 25 14.71 -9.41 -18.49
C ARG A 25 14.18 -8.23 -19.25
N ARG A 26 13.39 -7.40 -18.56
CA ARG A 26 12.80 -6.22 -19.21
C ARG A 26 13.89 -5.22 -19.57
N LEU A 27 14.87 -5.02 -18.69
CA LEU A 27 15.94 -4.10 -19.01
C LEU A 27 16.66 -4.55 -20.28
N GLN A 28 16.91 -5.85 -20.40
CA GLN A 28 17.58 -6.37 -21.59
C GLN A 28 16.70 -6.25 -22.83
N LYS A 29 15.42 -6.62 -22.73
CA LYS A 29 14.55 -6.47 -23.88
C LYS A 29 14.52 -5.04 -24.40
N TRP A 30 14.67 -4.05 -23.51
CA TRP A 30 14.63 -2.65 -23.86
C TRP A 30 16.00 -2.01 -23.99
N GLU A 31 17.06 -2.82 -23.99
CA GLU A 31 18.45 -2.38 -24.24
C GLU A 31 18.92 -1.40 -23.21
N LEU A 32 18.49 -1.57 -21.98
CA LEU A 32 19.14 -0.92 -20.86
C LEU A 32 20.23 -1.81 -20.27
N ASN A 33 21.06 -1.25 -19.39
CA ASN A 33 22.29 -1.98 -19.11
C ASN A 33 22.66 -2.11 -17.66
N THR A 34 21.92 -1.49 -16.73
CA THR A 34 22.38 -1.31 -15.35
C THR A 34 21.25 -1.43 -14.34
N TYR A 35 21.57 -2.07 -13.21
CA TYR A 35 20.69 -2.12 -12.05
C TYR A 35 21.50 -1.82 -10.80
N LEU A 36 21.01 -0.87 -9.99
CA LEU A 36 21.70 -0.48 -8.77
C LEU A 36 20.87 -0.94 -7.57
N TYR A 37 21.44 -1.85 -6.78
CA TYR A 37 20.78 -2.41 -5.60
C TYR A 37 20.95 -1.44 -4.44
N ALA A 38 19.85 -0.88 -3.96
CA ALA A 38 19.93 0.12 -2.90
C ALA A 38 18.63 0.28 -2.12
N PRO A 39 17.90 -0.79 -1.76
CA PRO A 39 16.61 -0.61 -1.07
C PRO A 39 16.82 -0.10 0.34
N LYS A 40 16.26 1.09 0.63
CA LYS A 40 16.59 1.75 1.90
C LYS A 40 16.24 0.92 3.10
N ASP A 41 15.22 0.07 3.00
CA ASP A 41 14.81 -0.70 4.16
C ASP A 41 15.04 -2.21 3.99
N ASP A 42 15.96 -2.58 3.11
CA ASP A 42 16.52 -3.93 3.13
C ASP A 42 17.59 -3.91 4.20
N TYR A 43 17.29 -4.56 5.35
CA TYR A 43 18.02 -4.30 6.59
C TYR A 43 19.54 -4.51 6.47
N LYS A 44 19.97 -5.45 5.64
CA LYS A 44 21.41 -5.61 5.54
C LYS A 44 22.06 -4.57 4.64
N HIS A 45 21.26 -3.73 3.96
CA HIS A 45 21.81 -2.69 3.10
C HIS A 45 22.08 -1.40 3.84
N ARG A 46 21.31 -1.09 4.88
CA ARG A 46 21.49 0.19 5.56
C ARG A 46 21.39 0.07 7.09
N MET A 47 20.23 -0.35 7.63
CA MET A 47 20.08 -0.30 9.10
C MET A 47 21.07 -1.24 9.78
N PHE A 48 21.24 -2.44 9.25
CA PHE A 48 22.21 -3.39 9.78
C PHE A 48 23.19 -3.74 8.68
N TRP A 49 23.89 -2.71 8.22
CA TRP A 49 24.85 -2.86 7.14
C TRP A 49 26.07 -3.66 7.56
N ARG A 50 26.43 -3.64 8.83
CA ARG A 50 27.62 -4.37 9.25
C ARG A 50 27.43 -5.88 9.21
N GLU A 51 26.21 -6.37 9.26
CA GLU A 51 25.97 -7.81 9.37
C GLU A 51 26.18 -8.53 8.03
N MET A 52 26.90 -9.64 8.07
CA MET A 52 27.10 -10.52 6.93
C MET A 52 25.78 -11.19 6.53
N TYR A 53 25.70 -11.61 5.27
CA TYR A 53 24.54 -12.36 4.84
C TYR A 53 24.62 -13.80 5.34
N SER A 54 23.47 -14.35 5.75
CA SER A 54 23.46 -15.76 6.11
C SER A 54 23.69 -16.63 4.87
N VAL A 55 23.82 -17.94 5.08
CA VAL A 55 24.08 -18.78 3.92
C VAL A 55 22.84 -18.90 3.05
N GLU A 56 21.65 -18.85 3.64
CA GLU A 56 20.43 -18.85 2.84
C GLU A 56 20.33 -17.57 2.02
N GLU A 57 20.71 -16.44 2.62
CA GLU A 57 20.71 -15.16 1.92
C GLU A 57 21.80 -15.12 0.86
N ALA A 58 22.98 -15.62 1.20
CA ALA A 58 24.08 -15.61 0.24
C ALA A 58 23.71 -16.36 -1.02
N GLU A 59 22.99 -17.48 -0.88
CA GLU A 59 22.57 -18.29 -2.02
C GLU A 59 21.55 -17.55 -2.90
N GLN A 60 20.66 -16.76 -2.27
CA GLN A 60 19.70 -15.95 -3.03
C GLN A 60 20.39 -14.81 -3.78
N LEU A 61 21.35 -14.16 -3.11
CA LEU A 61 22.06 -13.04 -3.71
C LEU A 61 22.98 -13.48 -4.85
N MET A 62 23.58 -14.66 -4.68
CA MET A 62 24.45 -15.21 -5.72
C MET A 62 23.64 -15.62 -6.95
N THR A 63 22.52 -16.32 -6.73
CA THR A 63 21.58 -16.62 -7.82
C THR A 63 21.11 -15.35 -8.51
N LEU A 64 20.94 -14.24 -7.77
CA LEU A 64 20.44 -12.99 -8.36
C LEU A 64 21.52 -12.29 -9.19
N ILE A 65 22.75 -12.21 -8.65
CA ILE A 65 23.84 -11.62 -9.42
C ILE A 65 24.13 -12.46 -10.68
N SER A 66 23.95 -13.78 -10.61
CA SER A 66 24.13 -14.61 -11.82
C SER A 66 23.13 -14.24 -12.91
N ALA A 67 21.88 -13.98 -12.52
CA ALA A 67 20.86 -13.58 -13.50
C ALA A 67 21.23 -12.27 -14.17
N ALA A 68 21.73 -11.29 -13.40
CA ALA A 68 22.18 -10.04 -13.98
C ALA A 68 23.26 -10.28 -15.02
N ARG A 69 24.21 -11.16 -14.73
CA ARG A 69 25.21 -11.52 -15.74
C ARG A 69 24.53 -12.18 -16.93
N GLU A 70 23.69 -13.19 -16.68
CA GLU A 70 23.02 -13.91 -17.76
C GLU A 70 22.24 -12.98 -18.69
N TYR A 71 21.65 -11.95 -18.15
CA TYR A 71 20.85 -10.99 -18.92
C TYR A 71 21.63 -9.74 -19.32
N GLU A 72 22.96 -9.77 -19.22
CA GLU A 72 23.81 -8.64 -19.64
C GLU A 72 23.42 -7.34 -18.97
N ILE A 73 23.05 -7.41 -17.70
CA ILE A 73 22.77 -6.25 -16.88
C ILE A 73 23.90 -6.14 -15.86
N GLU A 74 24.55 -4.98 -15.81
CA GLU A 74 25.58 -4.75 -14.82
C GLU A 74 24.96 -4.61 -13.44
N PHE A 75 25.48 -5.34 -12.45
CA PHE A 75 24.92 -5.36 -11.10
C PHE A 75 25.78 -4.51 -10.19
N ILE A 76 25.21 -3.44 -9.63
CA ILE A 76 25.93 -2.52 -8.77
C ILE A 76 25.37 -2.66 -7.36
N TYR A 77 26.20 -3.18 -6.44
CA TYR A 77 25.80 -3.38 -5.05
C TYR A 77 26.10 -2.11 -4.26
N ALA A 78 25.05 -1.47 -3.73
CA ALA A 78 25.24 -0.31 -2.88
C ALA A 78 25.13 -0.73 -1.41
N ILE A 79 25.69 0.12 -0.54
CA ILE A 79 25.59 -0.05 0.90
C ILE A 79 25.58 1.32 1.51
N SER A 80 24.77 1.48 2.57
CA SER A 80 24.52 2.78 3.22
C SER A 80 24.90 2.64 4.67
N PRO A 81 26.13 3.00 5.05
CA PRO A 81 26.58 2.86 6.45
C PRO A 81 26.43 4.12 7.28
N GLY A 82 26.02 5.25 6.68
CA GLY A 82 26.22 6.58 7.21
C GLY A 82 25.40 6.95 8.43
N LEU A 83 24.38 6.16 8.81
CA LEU A 83 23.58 6.50 9.98
C LEU A 83 24.40 6.45 11.28
N ASP A 84 25.20 5.39 11.46
CA ASP A 84 25.87 5.15 12.74
C ASP A 84 27.33 4.69 12.61
N ILE A 85 27.89 4.74 11.40
CA ILE A 85 29.30 4.45 11.20
C ILE A 85 30.17 5.49 11.90
N THR A 86 31.23 5.03 12.55
CA THR A 86 32.32 5.88 13.03
C THR A 86 33.46 5.81 12.02
N PHE A 87 33.69 6.89 11.29
CA PHE A 87 34.57 6.79 10.12
C PHE A 87 36.02 6.55 10.51
N SER A 88 36.44 7.05 11.67
CA SER A 88 37.83 6.97 12.09
C SER A 88 38.16 5.71 12.87
N ASN A 89 37.18 4.84 13.11
CA ASN A 89 37.39 3.57 13.81
C ASN A 89 37.75 2.51 12.78
N PRO A 90 38.96 1.93 12.84
CA PRO A 90 39.34 0.97 11.79
C PRO A 90 38.55 -0.33 11.87
N LYS A 91 37.86 -0.59 12.99
CA LYS A 91 36.99 -1.76 13.07
C LYS A 91 35.73 -1.56 12.24
N GLU A 92 35.21 -0.34 12.26
CA GLU A 92 34.18 0.06 11.31
C GLU A 92 34.63 -0.20 9.88
N VAL A 93 35.84 0.26 9.56
CA VAL A 93 36.31 0.19 8.17
C VAL A 93 36.55 -1.25 7.76
N SER A 94 37.08 -2.08 8.66
CA SER A 94 37.31 -3.47 8.29
C SER A 94 36.00 -4.21 8.09
N THR A 95 34.99 -3.92 8.92
CA THR A 95 33.66 -4.49 8.74
C THR A 95 33.04 -4.09 7.40
N LEU A 96 33.30 -2.86 6.93
CA LEU A 96 32.80 -2.46 5.62
C LEU A 96 33.46 -3.26 4.51
N LYS A 97 34.78 -3.43 4.58
CA LYS A 97 35.48 -4.24 3.58
C LYS A 97 35.06 -5.69 3.67
N ARG A 98 34.93 -6.22 4.88
CA ARG A 98 34.52 -7.60 5.08
C ARG A 98 33.12 -7.84 4.51
N LYS A 99 32.28 -6.79 4.53
CA LYS A 99 30.93 -6.89 3.96
C LYS A 99 30.96 -6.86 2.43
N LEU A 100 31.78 -5.99 1.86
CA LEU A 100 31.85 -5.91 0.41
C LEU A 100 32.59 -7.10 -0.18
N ASP A 101 33.65 -7.57 0.49
CA ASP A 101 34.31 -8.81 0.06
C ASP A 101 33.32 -9.95 -0.05
N GLN A 102 32.44 -10.10 0.94
CA GLN A 102 31.47 -11.19 0.90
C GLN A 102 30.62 -11.11 -0.37
N VAL A 103 30.19 -9.90 -0.71
CA VAL A 103 29.36 -9.72 -1.90
C VAL A 103 30.20 -9.85 -3.17
N SER A 104 31.46 -9.39 -3.13
CA SER A 104 32.40 -9.65 -4.22
C SER A 104 32.51 -11.15 -4.54
N GLN A 105 32.58 -11.98 -3.50
CA GLN A 105 32.70 -13.40 -3.74
C GLN A 105 31.41 -14.03 -4.23
N PHE A 106 30.31 -13.26 -4.23
CA PHE A 106 29.06 -13.66 -4.90
C PHE A 106 29.09 -13.43 -6.41
N GLY A 107 30.10 -12.75 -6.93
CA GLY A 107 30.19 -12.50 -8.36
C GLY A 107 30.08 -11.04 -8.74
N CYS A 108 29.96 -10.14 -7.76
CA CYS A 108 29.68 -8.73 -7.98
C CYS A 108 30.98 -7.97 -8.21
N ARG A 109 31.03 -7.20 -9.30
CA ARG A 109 32.19 -6.42 -9.71
C ARG A 109 32.03 -4.91 -9.57
N SER A 110 30.82 -4.41 -9.31
CA SER A 110 30.53 -2.97 -9.25
C SER A 110 29.90 -2.62 -7.91
N PHE A 111 30.30 -1.50 -7.32
CA PHE A 111 29.85 -1.18 -5.97
C PHE A 111 29.53 0.30 -5.87
N ALA A 112 28.77 0.66 -4.82
CA ALA A 112 28.48 2.04 -4.49
C ALA A 112 28.40 2.26 -2.98
N LEU A 113 28.94 3.37 -2.51
CA LEU A 113 28.76 3.83 -1.14
C LEU A 113 27.82 5.03 -1.14
N LEU A 114 26.73 4.95 -0.37
CA LEU A 114 25.66 5.96 -0.37
C LEU A 114 25.65 6.71 0.94
N PHE A 115 25.71 8.04 0.85
CA PHE A 115 25.66 8.85 2.08
C PHE A 115 24.48 9.79 2.06
N ASP A 116 23.36 9.34 1.52
CA ASP A 116 22.16 10.15 1.40
C ASP A 116 21.29 9.98 2.63
N ASP A 117 20.49 11.01 2.91
CA ASP A 117 19.49 10.99 3.98
C ASP A 117 20.10 10.65 5.35
N ILE A 118 21.15 11.39 5.74
CA ILE A 118 21.77 11.31 7.06
C ILE A 118 22.07 12.73 7.55
N ASP A 119 22.28 12.86 8.87
CA ASP A 119 22.67 14.14 9.48
C ASP A 119 24.01 14.62 8.88
N HIS A 120 24.24 15.94 8.93
CA HIS A 120 25.52 16.49 8.45
C HIS A 120 26.57 16.62 9.56
N ASN A 121 26.29 16.21 10.80
CA ASN A 121 27.23 16.34 11.91
C ASN A 121 27.86 14.98 12.22
N MET A 122 29.06 15.00 12.79
CA MET A 122 29.84 13.80 13.07
C MET A 122 29.97 13.58 14.57
N CYS A 123 30.35 12.36 14.93
CA CYS A 123 30.64 12.11 16.33
C CYS A 123 31.92 12.85 16.72
N ALA A 124 32.10 13.02 18.03
CA ALA A 124 33.24 13.75 18.53
C ALA A 124 34.53 13.14 18.00
N ALA A 125 34.65 11.82 18.11
CA ALA A 125 35.87 11.13 17.70
C ALA A 125 36.28 11.51 16.29
N ASP A 126 35.32 11.58 15.37
CA ASP A 126 35.65 11.82 13.99
C ASP A 126 36.01 13.28 13.71
N LYS A 127 35.57 14.24 14.55
CA LYS A 127 35.94 15.63 14.31
C LYS A 127 37.38 15.91 14.69
N GLU A 128 38.00 15.04 15.49
CA GLU A 128 39.44 15.13 15.70
C GLU A 128 40.18 14.88 14.40
N VAL A 129 39.83 13.78 13.72
CA VAL A 129 40.63 13.28 12.61
C VAL A 129 40.38 14.09 11.34
N PHE A 130 39.12 14.19 10.93
CA PHE A 130 38.75 14.79 9.66
C PHE A 130 38.34 16.24 9.84
N SER A 131 38.71 17.07 8.87
CA SER A 131 38.43 18.50 9.00
C SER A 131 36.99 18.86 8.62
N SER A 132 36.23 17.96 7.99
CA SER A 132 34.85 18.22 7.58
C SER A 132 34.18 16.90 7.23
N PHE A 133 32.84 16.93 7.19
CA PHE A 133 32.08 15.73 6.89
C PHE A 133 32.45 15.16 5.53
N ALA A 134 32.61 16.04 4.53
CA ALA A 134 32.95 15.59 3.20
C ALA A 134 34.29 14.85 3.18
N HIS A 135 35.26 15.34 3.95
CA HIS A 135 36.56 14.69 4.00
C HIS A 135 36.44 13.25 4.50
N ALA A 136 35.65 13.05 5.54
CA ALA A 136 35.51 11.71 6.11
C ALA A 136 34.85 10.76 5.13
N GLN A 137 33.87 11.22 4.36
CA GLN A 137 33.27 10.29 3.40
C GLN A 137 34.22 10.00 2.26
N VAL A 138 34.89 11.03 1.74
CA VAL A 138 35.78 10.78 0.62
C VAL A 138 36.97 9.92 1.05
N SER A 139 37.46 10.14 2.26
CA SER A 139 38.53 9.29 2.79
C SER A 139 38.16 7.82 2.76
N ILE A 140 37.01 7.47 3.32
CA ILE A 140 36.68 6.05 3.35
C ILE A 140 36.22 5.56 1.97
N THR A 141 35.62 6.43 1.15
CA THR A 141 35.21 6.00 -0.17
C THR A 141 36.42 5.69 -1.02
N ASN A 142 37.42 6.59 -0.99
CA ASN A 142 38.68 6.33 -1.70
C ASN A 142 39.33 5.05 -1.17
N GLU A 143 39.38 4.89 0.16
CA GLU A 143 39.99 3.70 0.73
C GLU A 143 39.27 2.44 0.25
N ILE A 144 37.93 2.45 0.25
CA ILE A 144 37.19 1.28 -0.24
C ILE A 144 37.45 1.07 -1.72
N TYR A 145 37.44 2.15 -2.52
CA TYR A 145 37.67 2.03 -3.95
C TYR A 145 38.96 1.25 -4.23
N GLN A 146 40.07 1.70 -3.65
CA GLN A 146 41.35 1.08 -3.96
C GLN A 146 41.47 -0.31 -3.34
N TYR A 147 40.91 -0.49 -2.14
CA TYR A 147 41.00 -1.80 -1.49
C TYR A 147 40.49 -2.93 -2.37
N LEU A 148 39.50 -2.67 -3.21
CA LEU A 148 38.94 -3.71 -4.06
C LEU A 148 39.44 -3.63 -5.51
N GLY A 149 40.63 -3.06 -5.72
CA GLY A 149 41.21 -3.07 -7.05
C GLY A 149 40.59 -2.10 -8.03
N GLU A 150 40.02 -1.00 -7.55
CA GLU A 150 39.62 0.12 -8.38
C GLU A 150 38.62 -0.32 -9.46
N PRO A 151 37.48 -0.89 -9.05
CA PRO A 151 36.66 -1.63 -10.02
C PRO A 151 36.04 -0.73 -11.08
N GLU A 152 35.74 -1.37 -12.23
CA GLU A 152 35.16 -0.70 -13.39
C GLU A 152 34.14 0.36 -13.01
N THR A 153 33.16 -0.02 -12.19
CA THR A 153 32.13 0.91 -11.74
C THR A 153 32.12 0.98 -10.23
N PHE A 154 32.32 2.18 -9.71
CA PHE A 154 32.17 2.46 -8.30
C PHE A 154 31.46 3.79 -8.19
N LEU A 155 30.33 3.83 -7.50
CA LEU A 155 29.55 5.05 -7.36
C LEU A 155 29.54 5.55 -5.92
N PHE A 156 29.51 6.87 -5.79
CA PHE A 156 29.50 7.55 -4.51
C PHE A 156 28.32 8.52 -4.52
N CYS A 157 27.44 8.42 -3.53
CA CYS A 157 26.30 9.34 -3.45
C CYS A 157 26.52 10.35 -2.34
N PRO A 158 26.62 11.63 -2.67
CA PRO A 158 26.84 12.64 -1.64
C PRO A 158 25.59 12.88 -0.82
N THR A 159 25.78 13.45 0.36
CA THR A 159 24.65 13.91 1.14
C THR A 159 24.00 15.13 0.51
N GLU A 160 24.78 16.05 -0.07
CA GLU A 160 24.20 17.14 -0.86
C GLU A 160 24.05 16.63 -2.29
N TYR A 161 22.92 15.95 -2.54
CA TYR A 161 22.71 15.19 -3.77
C TYR A 161 21.75 15.85 -4.75
N CYS A 162 21.39 17.11 -4.54
CA CYS A 162 20.55 17.83 -5.48
C CYS A 162 20.74 19.31 -5.22
N GLY A 163 20.32 20.14 -6.19
CA GLY A 163 20.49 21.56 -6.06
C GLY A 163 20.08 22.15 -4.72
N THR A 164 18.82 21.91 -4.33
CA THR A 164 18.30 22.53 -3.11
C THR A 164 19.00 22.03 -1.86
N PHE A 165 19.57 20.82 -1.90
CA PHE A 165 20.30 20.28 -0.75
C PHE A 165 21.71 20.85 -0.60
N CYS A 166 22.15 21.75 -1.47
CA CYS A 166 23.50 22.31 -1.43
C CYS A 166 23.55 23.56 -0.57
N TYR A 167 24.53 23.62 0.32
CA TYR A 167 24.61 24.79 1.18
C TYR A 167 25.90 25.53 0.86
N PRO A 168 25.79 26.85 0.56
CA PRO A 168 24.55 27.62 0.42
C PRO A 168 23.85 27.43 -0.92
N ASN A 169 24.67 27.24 -1.96
CA ASN A 169 24.18 26.96 -3.30
C ASN A 169 25.09 25.87 -3.90
N VAL A 170 24.88 25.56 -5.18
CA VAL A 170 25.67 24.49 -5.79
C VAL A 170 27.10 24.95 -6.02
N SER A 171 27.26 26.11 -6.67
CA SER A 171 28.58 26.60 -7.08
C SER A 171 29.51 26.92 -5.91
N GLN A 172 29.00 27.16 -4.70
CA GLN A 172 29.86 27.57 -3.59
C GLN A 172 29.79 26.59 -2.41
N SER A 173 29.39 25.34 -2.65
CA SER A 173 29.23 24.39 -1.55
C SER A 173 30.61 23.90 -1.05
N PRO A 174 30.97 24.18 0.21
CA PRO A 174 32.19 23.56 0.75
C PRO A 174 32.17 22.03 0.72
N TYR A 175 31.01 21.40 0.86
CA TYR A 175 30.91 19.95 0.81
C TYR A 175 31.27 19.40 -0.59
N LEU A 176 30.65 19.95 -1.63
CA LEU A 176 30.85 19.42 -2.98
C LEU A 176 32.26 19.69 -3.51
N ARG A 177 32.84 20.87 -3.19
CA ARG A 177 34.20 21.17 -3.65
C ARG A 177 35.22 20.19 -3.07
N THR A 178 35.08 19.87 -1.79
CA THR A 178 35.93 18.82 -1.23
C THR A 178 35.70 17.49 -1.93
N VAL A 179 34.44 17.16 -2.28
CA VAL A 179 34.18 15.93 -3.04
C VAL A 179 34.89 15.99 -4.39
N GLY A 180 34.62 17.03 -5.18
CA GLY A 180 35.20 17.07 -6.51
C GLY A 180 36.70 17.07 -6.50
N GLU A 181 37.29 17.83 -5.57
CA GLU A 181 38.73 17.96 -5.44
C GLU A 181 39.34 16.68 -4.88
N LYS A 182 38.65 15.98 -3.97
CA LYS A 182 39.35 14.90 -3.30
C LYS A 182 38.83 13.48 -3.59
N LEU A 183 37.72 13.32 -4.31
CA LEU A 183 37.25 11.98 -4.65
C LEU A 183 37.95 11.50 -5.91
N LEU A 184 38.43 10.26 -5.89
CA LEU A 184 39.32 9.82 -6.95
C LEU A 184 38.61 9.86 -8.30
N PRO A 185 39.31 10.25 -9.38
CA PRO A 185 38.64 10.50 -10.67
C PRO A 185 37.84 9.33 -11.20
N GLY A 186 38.21 8.08 -10.88
CA GLY A 186 37.47 6.96 -11.38
C GLY A 186 36.17 6.67 -10.67
N ILE A 187 35.88 7.38 -9.57
CA ILE A 187 34.63 7.18 -8.84
C ILE A 187 33.58 8.11 -9.44
N GLU A 188 32.35 7.62 -9.59
CA GLU A 188 31.26 8.41 -10.13
C GLU A 188 30.42 9.03 -9.01
N VAL A 189 29.76 10.15 -9.32
CA VAL A 189 28.98 10.91 -8.35
C VAL A 189 27.52 10.90 -8.77
N LEU A 190 26.62 10.63 -7.80
CA LEU A 190 25.18 10.52 -8.04
C LEU A 190 24.51 11.85 -7.72
N TRP A 191 23.49 12.19 -8.49
CA TRP A 191 22.87 13.52 -8.45
C TRP A 191 21.43 13.33 -8.88
N THR A 192 20.48 14.00 -8.20
CA THR A 192 19.06 13.85 -8.57
C THR A 192 18.48 15.02 -9.35
N GLY A 193 19.28 16.06 -9.69
CA GLY A 193 18.77 17.23 -10.38
C GLY A 193 18.67 18.45 -9.47
N PRO A 194 17.90 19.48 -9.87
CA PRO A 194 17.75 20.67 -8.97
C PRO A 194 17.14 20.29 -7.64
N LYS A 195 16.25 19.29 -7.65
CA LYS A 195 15.44 18.89 -6.52
C LYS A 195 15.55 17.39 -6.34
N VAL A 196 15.02 16.93 -5.19
CA VAL A 196 14.87 15.50 -4.94
C VAL A 196 14.04 14.86 -6.05
N VAL A 197 12.85 15.40 -6.31
CA VAL A 197 12.02 15.04 -7.46
C VAL A 197 12.07 16.23 -8.42
N SER A 198 12.96 16.15 -9.39
CA SER A 198 13.13 17.29 -10.27
C SER A 198 12.06 17.28 -11.35
N LYS A 199 11.31 18.38 -11.46
CA LYS A 199 10.35 18.51 -12.56
C LYS A 199 11.04 18.54 -13.92
N GLU A 200 12.13 19.31 -14.03
CA GLU A 200 13.03 19.30 -15.16
C GLU A 200 14.45 19.12 -14.66
N ILE A 201 15.33 18.67 -15.54
CA ILE A 201 16.78 18.70 -15.26
C ILE A 201 17.44 19.50 -16.37
N PRO A 202 17.50 20.82 -16.25
CA PRO A 202 18.07 21.65 -17.32
C PRO A 202 19.54 21.34 -17.61
N VAL A 203 20.01 21.75 -18.80
CA VAL A 203 21.41 21.49 -19.14
C VAL A 203 22.34 22.33 -18.27
N GLU A 204 22.02 23.60 -18.09
CA GLU A 204 22.91 24.49 -17.33
C GLU A 204 23.09 24.05 -15.89
N SER A 205 22.09 23.38 -15.30
CA SER A 205 22.28 22.91 -13.94
C SER A 205 23.27 21.75 -13.89
N ILE A 206 23.37 21.00 -14.98
CA ILE A 206 24.33 19.90 -15.02
C ILE A 206 25.72 20.42 -15.29
N GLU A 207 25.81 21.47 -16.12
CA GLU A 207 27.07 22.18 -16.28
C GLU A 207 27.56 22.71 -14.94
N GLU A 208 26.64 23.35 -14.20
CA GLU A 208 27.00 23.96 -12.92
C GLU A 208 27.53 22.92 -11.96
N VAL A 209 26.84 21.80 -11.81
CA VAL A 209 27.30 20.82 -10.83
C VAL A 209 28.56 20.11 -11.33
N SER A 210 28.64 19.84 -12.64
CA SER A 210 29.79 19.11 -13.18
C SER A 210 31.08 19.89 -12.95
N LYS A 211 31.01 21.21 -13.09
CA LYS A 211 32.17 22.07 -12.85
C LYS A 211 32.69 21.93 -11.42
N ILE A 212 31.79 21.80 -10.45
CA ILE A 212 32.23 21.78 -9.06
C ILE A 212 32.54 20.38 -8.53
N ILE A 213 32.04 19.32 -9.18
CA ILE A 213 32.47 17.98 -8.80
C ILE A 213 33.47 17.40 -9.77
N LYS A 214 33.86 18.16 -10.78
CA LYS A 214 34.94 17.85 -11.71
C LYS A 214 34.69 16.63 -12.57
N ARG A 215 33.42 16.27 -12.75
CA ARG A 215 33.05 15.08 -13.51
C ARG A 215 31.57 15.16 -13.85
N ALA A 216 31.21 14.50 -14.95
CA ALA A 216 29.80 14.32 -15.27
C ALA A 216 29.14 13.39 -14.26
N PRO A 217 27.96 13.74 -13.76
CA PRO A 217 27.31 12.93 -12.73
C PRO A 217 26.40 11.87 -13.35
N VAL A 218 26.12 10.85 -12.54
CA VAL A 218 25.11 9.86 -12.87
C VAL A 218 23.82 10.32 -12.24
N ILE A 219 22.79 10.49 -13.06
CA ILE A 219 21.50 10.92 -12.54
C ILE A 219 20.81 9.73 -11.86
N TRP A 220 20.53 9.89 -10.57
CA TRP A 220 19.55 9.08 -9.85
C TRP A 220 18.27 9.90 -9.92
N ASP A 221 17.32 9.39 -10.71
CA ASP A 221 16.10 10.12 -11.03
C ASP A 221 14.94 9.60 -10.18
N ASN A 222 14.25 10.51 -9.47
CA ASN A 222 13.06 10.16 -8.68
C ASN A 222 11.74 10.64 -9.30
N ILE A 223 11.72 10.92 -10.60
CA ILE A 223 10.51 11.38 -11.28
C ILE A 223 9.33 10.44 -11.08
N HIS A 224 9.55 9.13 -10.97
CA HIS A 224 8.46 8.16 -10.80
C HIS A 224 8.45 7.54 -9.42
N ALA A 225 9.29 7.99 -8.51
CA ALA A 225 9.30 7.47 -7.16
C ALA A 225 7.97 7.80 -6.50
N ASN A 226 7.46 6.88 -5.67
CA ASN A 226 6.19 7.21 -5.04
C ASN A 226 6.15 6.77 -3.59
N ASP A 227 7.30 6.55 -2.97
CA ASP A 227 7.37 6.18 -1.56
C ASP A 227 7.08 7.35 -0.61
N TYR A 228 7.01 8.58 -1.10
CA TYR A 228 6.87 9.73 -0.22
C TYR A 228 5.43 10.12 0.03
N ASP A 229 4.47 9.35 -0.50
CA ASP A 229 3.04 9.68 -0.37
C ASP A 229 2.25 8.42 -0.73
N GLN A 230 1.69 7.78 0.29
CA GLN A 230 0.85 6.59 0.20
C GLN A 230 -0.11 6.58 -0.98
N LYS A 231 -0.68 7.72 -1.31
CA LYS A 231 -1.78 7.79 -2.25
C LYS A 231 -1.32 7.90 -3.70
N ARG A 232 -0.02 8.07 -3.94
CA ARG A 232 0.46 8.47 -5.26
C ARG A 232 1.12 7.31 -6.00
N LEU A 233 1.02 7.42 -7.33
CA LEU A 233 1.49 6.44 -8.29
C LEU A 233 1.72 7.17 -9.61
N PHE A 234 2.82 6.81 -10.30
CA PHE A 234 3.21 7.58 -11.47
C PHE A 234 3.40 6.63 -12.65
N LEU A 235 2.39 6.64 -13.55
CA LEU A 235 2.36 5.85 -14.79
C LEU A 235 2.62 6.70 -16.02
N GLY A 236 2.98 7.98 -15.85
CA GLY A 236 3.21 8.86 -16.98
C GLY A 236 4.55 8.57 -17.61
N PRO A 237 4.83 9.24 -18.72
CA PRO A 237 6.11 9.02 -19.42
C PRO A 237 7.25 9.75 -18.74
N TYR A 238 8.45 9.24 -18.97
CA TYR A 238 9.66 9.95 -18.60
C TYR A 238 9.64 11.30 -19.30
N LYS A 239 9.87 12.36 -18.53
CA LYS A 239 9.59 13.70 -19.02
C LYS A 239 10.42 14.73 -18.26
N GLY A 240 10.72 15.83 -18.92
CA GLY A 240 11.44 16.93 -18.29
C GLY A 240 12.94 16.89 -18.41
N ARG A 241 13.50 15.95 -19.19
CA ARG A 241 14.94 15.79 -19.33
C ARG A 241 15.29 15.70 -20.81
N SER A 242 15.96 16.73 -21.33
CA SER A 242 16.29 16.77 -22.74
C SER A 242 17.32 15.69 -23.10
N THR A 243 17.21 15.13 -24.30
CA THR A 243 18.25 14.19 -24.73
C THR A 243 19.60 14.89 -24.89
N GLU A 244 19.62 16.22 -24.94
CA GLU A 244 20.88 16.94 -24.86
C GLU A 244 21.59 16.70 -23.54
N LEU A 245 20.94 16.07 -22.56
CA LEU A 245 21.65 15.73 -21.32
C LEU A 245 22.60 14.55 -21.50
N ILE A 246 22.22 13.60 -22.39
CA ILE A 246 22.97 12.33 -22.52
C ILE A 246 24.47 12.53 -22.71
N PRO A 247 24.94 13.44 -23.59
CA PRO A 247 26.40 13.62 -23.72
C PRO A 247 27.04 14.30 -22.52
N ARG A 248 26.25 14.89 -21.64
CA ARG A 248 26.79 15.58 -20.48
C ARG A 248 26.69 14.79 -19.21
N LEU A 249 26.24 13.55 -19.30
CA LEU A 249 25.98 12.74 -18.15
C LEU A 249 26.75 11.44 -18.26
N LYS A 250 27.14 10.89 -17.12
CA LYS A 250 27.69 9.55 -17.07
C LYS A 250 26.61 8.46 -17.09
N GLY A 251 25.39 8.77 -16.68
CA GLY A 251 24.31 7.80 -16.79
C GLY A 251 23.02 8.31 -16.19
N VAL A 252 21.99 7.47 -16.28
CA VAL A 252 20.67 7.76 -15.72
C VAL A 252 20.11 6.46 -15.14
N LEU A 253 19.91 6.44 -13.82
CA LEU A 253 19.28 5.34 -13.11
C LEU A 253 17.98 5.87 -12.51
N THR A 254 16.85 5.30 -12.92
CA THR A 254 15.56 5.76 -12.40
C THR A 254 15.15 4.95 -11.18
N ASN A 255 14.78 5.68 -10.12
CA ASN A 255 14.20 5.17 -8.87
C ASN A 255 12.69 5.29 -8.96
N PRO A 256 11.94 4.16 -9.26
CA PRO A 256 10.52 4.25 -9.67
C PRO A 256 9.53 3.84 -8.58
N ASN A 257 8.25 3.65 -8.90
CA ASN A 257 7.26 3.26 -7.89
C ASN A 257 7.70 2.01 -7.15
N CYS A 258 7.29 1.91 -5.88
CA CYS A 258 7.51 0.69 -5.10
C CYS A 258 6.79 -0.50 -5.69
N GLU A 259 5.67 -0.25 -6.37
CA GLU A 259 4.85 -1.32 -6.92
C GLU A 259 5.51 -1.82 -8.19
N PHE A 260 6.04 -3.03 -8.16
CA PHE A 260 6.86 -3.49 -9.27
C PHE A 260 6.15 -3.36 -10.62
N GLU A 261 4.96 -3.96 -10.72
CA GLU A 261 4.26 -3.97 -11.99
C GLU A 261 3.84 -2.58 -12.48
N ALA A 262 3.79 -1.57 -11.60
CA ALA A 262 3.38 -0.26 -12.10
C ALA A 262 4.47 0.46 -12.88
N ASN A 263 5.68 -0.09 -13.01
CA ASN A 263 6.78 0.64 -13.61
C ASN A 263 7.05 0.23 -15.04
N TYR A 264 6.08 -0.39 -15.70
CA TYR A 264 6.23 -0.69 -17.12
C TYR A 264 6.45 0.59 -17.91
N VAL A 265 5.57 1.57 -17.73
CA VAL A 265 5.71 2.82 -18.47
C VAL A 265 6.96 3.56 -18.05
N ALA A 266 7.26 3.56 -16.75
CA ALA A 266 8.40 4.32 -16.24
C ALA A 266 9.72 3.85 -16.86
N ILE A 267 9.89 2.53 -17.00
CA ILE A 267 11.11 1.94 -17.55
C ILE A 267 11.06 1.85 -19.07
N HIS A 268 9.89 1.57 -19.64
CA HIS A 268 9.79 1.54 -21.09
C HIS A 268 10.14 2.88 -21.69
N THR A 269 9.64 3.97 -21.10
CA THR A 269 9.87 5.29 -21.70
C THR A 269 11.30 5.79 -21.43
N LEU A 270 11.93 5.35 -20.34
CA LEU A 270 13.33 5.66 -20.12
C LEU A 270 14.17 5.02 -21.21
N ALA A 271 13.90 3.75 -21.51
CA ALA A 271 14.53 3.07 -22.63
C ALA A 271 14.34 3.85 -23.93
N THR A 272 13.08 4.18 -24.26
CA THR A 272 12.81 4.94 -25.48
C THR A 272 13.63 6.23 -25.53
N TRP A 273 13.74 6.91 -24.38
CA TRP A 273 14.45 8.16 -24.31
C TRP A 273 15.95 7.97 -24.57
N TYR A 274 16.49 6.86 -24.08
CA TYR A 274 17.88 6.54 -24.24
C TYR A 274 18.28 6.21 -25.69
N LYS A 275 17.33 6.03 -26.61
CA LYS A 275 17.69 5.78 -28.01
C LYS A 275 17.24 6.84 -29.04
N TYR A 316 12.88 12.93 -29.14
CA TYR A 316 12.05 12.28 -28.12
C TYR A 316 10.82 13.08 -27.71
N SER A 317 9.66 12.45 -27.84
CA SER A 317 8.38 13.03 -27.47
C SER A 317 7.74 12.24 -26.33
N PRO A 318 7.45 12.88 -25.21
CA PRO A 318 6.83 12.17 -24.09
C PRO A 318 5.50 11.53 -24.44
N GLN A 319 4.68 12.15 -25.29
CA GLN A 319 3.37 11.54 -25.57
C GLN A 319 3.51 10.37 -26.54
N MET A 320 4.37 10.49 -27.55
CA MET A 320 4.64 9.34 -28.41
C MET A 320 5.22 8.17 -27.61
N ALA A 321 6.18 8.47 -26.72
CA ALA A 321 6.72 7.42 -25.88
C ALA A 321 5.65 6.76 -25.02
N LEU A 322 4.71 7.55 -24.45
CA LEU A 322 3.64 6.96 -23.65
C LEU A 322 2.77 6.02 -24.47
N LYS A 323 2.40 6.43 -25.70
CA LYS A 323 1.58 5.59 -26.55
C LYS A 323 2.26 4.27 -26.86
N LEU A 324 3.55 4.31 -27.20
CA LEU A 324 4.28 3.08 -27.44
C LEU A 324 4.32 2.21 -26.19
N ALA A 325 4.55 2.83 -25.04
CA ALA A 325 4.67 2.05 -23.82
C ALA A 325 3.33 1.44 -23.41
N LEU A 326 2.24 2.23 -23.46
CA LEU A 326 0.95 1.68 -23.08
C LEU A 326 0.50 0.63 -24.08
N THR A 327 0.82 0.83 -25.36
CA THR A 327 0.43 -0.16 -26.36
C THR A 327 1.05 -1.50 -26.08
N GLU A 328 2.33 -1.49 -25.78
CA GLU A 328 3.01 -2.74 -25.48
C GLU A 328 2.55 -3.29 -24.13
N TRP A 329 2.22 -2.42 -23.18
CA TRP A 329 1.76 -2.88 -21.88
C TRP A 329 0.48 -3.65 -22.00
N LEU A 330 -0.38 -3.27 -22.95
CA LEU A 330 -1.70 -3.86 -23.06
C LEU A 330 -1.61 -5.37 -23.20
N GLN A 331 -0.54 -5.89 -23.82
CA GLN A 331 -0.52 -7.31 -24.17
C GLN A 331 -0.18 -8.21 -23.00
N GLU A 332 0.13 -7.67 -21.84
CA GLU A 332 0.24 -8.49 -20.65
C GLU A 332 -0.97 -8.41 -19.74
N PHE A 333 -2.06 -7.77 -20.19
CA PHE A 333 -3.34 -7.78 -19.49
C PHE A 333 -4.22 -8.81 -20.20
N GLY A 334 -4.03 -10.07 -19.84
CA GLY A 334 -4.78 -11.11 -20.50
C GLY A 334 -6.18 -11.31 -19.91
N VAL A 335 -6.90 -12.25 -20.49
CA VAL A 335 -8.09 -12.86 -19.90
C VAL A 335 -7.70 -14.26 -19.43
N PRO A 336 -8.09 -14.69 -18.23
CA PRO A 336 -7.73 -16.03 -17.82
C PRO A 336 -8.33 -17.04 -18.77
N HIS A 337 -7.65 -18.18 -18.91
CA HIS A 337 -8.13 -19.28 -19.72
C HIS A 337 -9.40 -19.85 -19.12
N GLN A 338 -10.49 -19.84 -19.86
CA GLN A 338 -11.74 -20.42 -19.40
C GLN A 338 -12.08 -21.73 -20.12
N TYR A 339 -12.62 -22.68 -19.36
CA TYR A 339 -12.97 -24.00 -19.84
C TYR A 339 -14.44 -24.32 -19.65
N SER A 340 -15.24 -23.36 -19.17
CA SER A 340 -16.68 -23.58 -19.05
C SER A 340 -17.48 -22.40 -19.57
N SER A 352 -12.48 -7.24 -20.83
CA SER A 352 -11.01 -7.20 -20.72
C SER A 352 -10.40 -5.82 -21.03
N VAL A 353 -9.21 -5.53 -20.48
CA VAL A 353 -8.67 -4.18 -20.54
C VAL A 353 -8.45 -3.74 -21.98
N THR A 354 -8.86 -2.52 -22.29
CA THR A 354 -8.58 -1.92 -23.60
C THR A 354 -7.43 -0.90 -23.48
N LEU A 355 -6.95 -0.44 -24.64
CA LEU A 355 -5.98 0.65 -24.66
C LEU A 355 -6.56 1.91 -24.03
N GLU A 356 -7.83 2.20 -24.29
CA GLU A 356 -8.43 3.40 -23.72
C GLU A 356 -8.46 3.31 -22.19
N ASP A 357 -8.76 2.13 -21.66
CA ASP A 357 -8.70 1.92 -20.21
C ASP A 357 -7.34 2.30 -19.67
N LEU A 358 -6.27 1.82 -20.32
CA LEU A 358 -4.93 2.07 -19.82
C LEU A 358 -4.53 3.54 -19.94
N GLN A 359 -4.91 4.20 -21.05
CA GLN A 359 -4.70 5.65 -21.18
C GLN A 359 -5.32 6.40 -20.01
N LEU A 360 -6.55 6.03 -19.65
CA LEU A 360 -7.26 6.68 -18.55
C LEU A 360 -6.55 6.45 -17.23
N LEU A 361 -6.15 5.19 -16.98
CA LEU A 361 -5.42 4.83 -15.76
C LEU A 361 -4.11 5.62 -15.64
N ALA A 362 -3.33 5.68 -16.70
CA ALA A 362 -2.11 6.47 -16.64
C ALA A 362 -2.41 7.97 -16.43
N ASP A 363 -3.52 8.48 -17.00
CA ASP A 363 -3.80 9.91 -16.85
C ASP A 363 -4.29 10.27 -15.45
N LEU A 364 -4.88 9.32 -14.73
CA LEU A 364 -5.24 9.54 -13.33
C LEU A 364 -4.07 9.40 -12.39
N PHE A 365 -3.04 8.63 -12.76
CA PHE A 365 -1.83 8.41 -12.00
C PHE A 365 -0.68 8.70 -12.95
N TYR A 366 -0.37 9.98 -13.13
CA TYR A 366 0.50 10.39 -14.21
C TYR A 366 1.93 10.72 -13.74
N LEU A 367 2.17 11.96 -13.31
CA LEU A 367 3.49 12.46 -12.94
C LEU A 367 3.41 13.37 -11.73
N PRO A 368 4.54 13.55 -11.00
CA PRO A 368 4.44 14.27 -9.73
C PRO A 368 3.95 15.67 -9.85
N TYR A 369 4.12 16.32 -11.00
CA TYR A 369 3.75 17.72 -11.20
C TYR A 369 2.69 17.96 -12.25
N GLU A 370 2.12 16.92 -12.84
CA GLU A 370 1.02 17.16 -13.77
C GLU A 370 0.23 15.87 -13.82
N HIS A 371 -1.09 16.03 -13.86
CA HIS A 371 -1.98 14.94 -14.17
C HIS A 371 -2.09 14.80 -15.69
N GLY A 372 -2.47 13.60 -16.15
CA GLY A 372 -2.68 13.38 -17.55
C GLY A 372 -3.89 14.16 -18.05
N PRO A 373 -4.00 14.30 -19.37
CA PRO A 373 -5.13 15.09 -19.92
C PRO A 373 -6.51 14.64 -19.43
N LYS A 374 -6.84 13.36 -19.53
CA LYS A 374 -8.17 12.92 -19.11
C LYS A 374 -8.46 13.18 -17.63
N GLY A 375 -7.43 13.19 -16.78
CA GLY A 375 -7.70 13.47 -15.38
C GLY A 375 -7.94 14.95 -15.13
N ALA A 376 -7.12 15.78 -15.77
CA ALA A 376 -7.30 17.23 -15.66
C ALA A 376 -8.65 17.65 -16.22
N GLN A 377 -9.08 17.01 -17.31
CA GLN A 377 -10.36 17.33 -17.90
C GLN A 377 -11.51 17.05 -16.93
N MET A 378 -11.52 15.86 -16.35
CA MET A 378 -12.59 15.53 -15.40
C MET A 378 -12.54 16.43 -14.20
N LEU A 379 -11.33 16.78 -13.76
CA LEU A 379 -11.19 17.66 -12.61
C LEU A 379 -11.67 19.09 -12.92
N ARG A 380 -11.36 19.62 -14.12
CA ARG A 380 -11.88 20.94 -14.50
C ARG A 380 -13.40 20.93 -14.63
N GLU A 381 -13.95 19.92 -15.32
CA GLU A 381 -15.41 19.83 -15.46
C GLU A 381 -16.12 19.77 -14.10
N PHE A 382 -15.59 18.98 -13.17
CA PHE A 382 -16.21 18.88 -11.87
C PHE A 382 -16.23 20.23 -11.17
N GLN A 383 -15.10 20.98 -11.23
CA GLN A 383 -15.04 22.29 -10.59
C GLN A 383 -16.04 23.22 -11.21
N TRP A 384 -16.18 23.17 -12.53
CA TRP A 384 -17.14 24.02 -13.18
C TRP A 384 -18.57 23.67 -12.77
N LEU A 385 -18.88 22.38 -12.68
CA LEU A 385 -20.23 21.96 -12.28
C LEU A 385 -20.56 22.43 -10.87
N ARG A 386 -19.62 22.25 -9.94
CA ARG A 386 -19.80 22.73 -8.58
C ARG A 386 -19.96 24.25 -8.56
N ALA A 387 -19.08 24.96 -9.26
CA ALA A 387 -19.14 26.41 -9.21
C ALA A 387 -20.48 26.90 -9.74
N ASN A 388 -20.95 26.33 -10.86
CA ASN A 388 -22.18 26.75 -11.51
C ASN A 388 -23.40 25.99 -11.01
N SER A 389 -23.31 25.42 -9.81
CA SER A 389 -24.38 24.59 -9.28
C SER A 389 -25.48 25.41 -8.62
N SER A 390 -25.23 26.69 -8.34
CA SER A 390 -26.26 27.58 -7.81
C SER A 390 -27.51 27.54 -8.69
N VAL A 391 -27.33 27.20 -9.95
CA VAL A 391 -28.43 26.82 -10.80
C VAL A 391 -28.75 25.32 -10.65
N ILE A 404 -28.57 26.82 -17.96
CA ILE A 404 -29.29 25.76 -17.20
C ILE A 404 -29.23 24.45 -17.96
N GLU A 405 -29.52 24.50 -19.27
CA GLU A 405 -29.35 23.30 -20.06
C GLU A 405 -27.89 23.04 -20.34
N GLU A 406 -27.04 24.04 -20.18
CA GLU A 406 -25.63 23.78 -20.28
C GLU A 406 -25.16 22.96 -19.09
N TRP A 407 -25.62 23.30 -17.89
CA TRP A 407 -25.21 22.56 -16.71
C TRP A 407 -25.56 21.09 -16.86
N ARG A 408 -26.84 20.80 -17.08
CA ARG A 408 -27.29 19.41 -17.14
C ARG A 408 -26.67 18.68 -18.32
N SER A 409 -26.42 19.39 -19.42
CA SER A 409 -25.77 18.75 -20.55
C SER A 409 -24.34 18.32 -20.21
N ARG A 410 -23.60 19.16 -19.50
CA ARG A 410 -22.23 18.79 -19.17
C ARG A 410 -22.16 17.90 -17.93
N ALA A 411 -23.18 17.94 -17.09
CA ALA A 411 -23.26 16.99 -15.98
C ALA A 411 -23.43 15.57 -16.48
N ALA A 412 -24.28 15.37 -17.50
CA ALA A 412 -24.44 14.02 -18.05
C ALA A 412 -23.15 13.54 -18.69
N LYS A 413 -22.46 14.43 -19.41
CA LYS A 413 -21.22 14.02 -20.02
C LYS A 413 -20.15 13.73 -18.98
N PHE A 414 -20.24 14.41 -17.84
CA PHE A 414 -19.27 14.17 -16.77
C PHE A 414 -19.50 12.83 -16.09
N GLU A 415 -20.76 12.43 -15.90
CA GLU A 415 -20.96 11.15 -15.23
C GLU A 415 -20.72 9.98 -16.16
N GLU A 416 -20.82 10.18 -17.47
CA GLU A 416 -20.38 9.13 -18.37
C GLU A 416 -18.86 9.00 -18.38
N MET A 417 -18.13 10.10 -18.14
CA MET A 417 -16.69 9.98 -17.89
C MET A 417 -16.42 9.26 -16.59
N CYS A 418 -17.25 9.50 -15.57
CA CYS A 418 -17.13 8.76 -14.33
C CYS A 418 -17.36 7.28 -14.57
N GLY A 419 -18.33 6.96 -15.45
CA GLY A 419 -18.57 5.57 -15.79
C GLY A 419 -17.35 4.91 -16.40
N LEU A 420 -16.56 5.68 -17.15
CA LEU A 420 -15.38 5.07 -17.76
C LEU A 420 -14.31 4.74 -16.73
N VAL A 421 -14.29 5.46 -15.61
CA VAL A 421 -13.38 5.07 -14.54
C VAL A 421 -13.83 3.75 -13.94
N MET A 422 -15.13 3.61 -13.65
CA MET A 422 -15.64 2.37 -13.09
C MET A 422 -15.38 1.20 -14.02
N GLY A 423 -15.57 1.44 -15.33
CA GLY A 423 -15.44 0.37 -16.30
C GLY A 423 -14.00 -0.07 -16.47
N MET A 424 -13.06 0.87 -16.37
CA MET A 424 -11.66 0.49 -16.30
C MET A 424 -11.41 -0.42 -15.10
N PHE A 425 -11.87 0.00 -13.93
CA PHE A 425 -11.61 -0.79 -12.73
C PHE A 425 -12.22 -2.18 -12.85
N THR A 426 -13.45 -2.27 -13.38
CA THR A 426 -14.09 -3.59 -13.51
C THR A 426 -13.28 -4.49 -14.45
N ARG A 427 -12.78 -3.94 -15.56
CA ARG A 427 -12.11 -4.83 -16.51
C ARG A 427 -10.71 -5.22 -16.03
N LEU A 428 -9.96 -4.28 -15.44
CA LEU A 428 -8.75 -4.62 -14.70
C LEU A 428 -9.00 -5.74 -13.72
N SER A 429 -10.14 -5.71 -13.03
CA SER A 429 -10.43 -6.73 -12.02
C SER A 429 -10.56 -8.10 -12.63
N ASN A 430 -10.93 -8.17 -13.91
CA ASN A 430 -11.10 -9.46 -14.56
C ASN A 430 -9.87 -9.88 -15.33
N CYS A 431 -8.77 -9.15 -15.21
CA CYS A 431 -7.66 -9.49 -16.07
C CYS A 431 -6.86 -10.69 -15.52
N ALA A 432 -6.13 -11.34 -16.44
CA ALA A 432 -5.46 -12.57 -16.07
C ALA A 432 -4.24 -12.33 -15.20
N ASN A 433 -3.52 -11.22 -15.43
CA ASN A 433 -2.27 -11.00 -14.71
C ASN A 433 -2.59 -10.44 -13.32
N ARG A 434 -2.76 -11.36 -12.36
CA ARG A 434 -3.17 -10.99 -11.03
C ARG A 434 -2.07 -10.21 -10.32
N THR A 435 -0.82 -10.52 -10.63
CA THR A 435 0.30 -9.74 -10.12
C THR A 435 0.12 -8.26 -10.43
N ILE A 436 -0.23 -7.96 -11.68
CA ILE A 436 -0.43 -6.57 -12.10
C ILE A 436 -1.57 -5.93 -11.30
N LEU A 437 -2.69 -6.64 -11.15
CA LEU A 437 -3.84 -6.12 -10.42
C LEU A 437 -3.49 -5.84 -8.96
N TYR A 438 -2.77 -6.75 -8.31
CA TYR A 438 -2.51 -6.58 -6.88
C TYR A 438 -1.62 -5.36 -6.63
N ASP A 439 -0.56 -5.19 -7.42
CA ASP A 439 0.28 -4.02 -7.27
C ASP A 439 -0.49 -2.72 -7.38
N MET A 440 -1.60 -2.70 -8.13
CA MET A 440 -2.28 -1.43 -8.37
C MET A 440 -3.65 -1.32 -7.73
N TYR A 441 -4.10 -2.36 -7.04
CA TYR A 441 -5.49 -2.44 -6.62
C TYR A 441 -5.89 -1.25 -5.73
N SER A 442 -5.17 -1.00 -4.65
CA SER A 442 -5.69 0.03 -3.74
C SER A 442 -5.69 1.40 -4.40
N TYR A 443 -4.75 1.68 -5.32
CA TYR A 443 -4.81 2.94 -6.06
C TYR A 443 -6.07 2.98 -6.91
N VAL A 444 -6.39 1.88 -7.59
CA VAL A 444 -7.50 1.91 -8.50
C VAL A 444 -8.80 1.85 -7.72
N TRP A 445 -8.81 1.07 -6.63
CA TRP A 445 -9.98 0.99 -5.77
C TRP A 445 -10.35 2.37 -5.29
N ASP A 446 -9.33 3.12 -4.87
CA ASP A 446 -9.49 4.47 -4.35
C ASP A 446 -10.14 5.41 -5.37
N ILE A 447 -9.52 5.55 -6.55
CA ILE A 447 -10.02 6.52 -7.52
C ILE A 447 -11.40 6.12 -8.00
N LYS A 448 -11.65 4.81 -8.16
CA LYS A 448 -12.98 4.33 -8.56
C LYS A 448 -14.03 4.80 -7.56
N SER A 449 -13.85 4.48 -6.28
CA SER A 449 -14.88 4.76 -5.29
C SER A 449 -15.05 6.26 -5.03
N ILE A 450 -14.00 7.05 -5.21
CA ILE A 450 -14.12 8.51 -5.08
C ILE A 450 -14.86 9.10 -6.26
N MET A 451 -14.56 8.62 -7.48
CA MET A 451 -15.31 9.09 -8.64
C MET A 451 -16.78 8.71 -8.53
N SER A 452 -17.08 7.53 -7.97
CA SER A 452 -18.48 7.17 -7.85
C SER A 452 -19.18 8.08 -6.84
N MET A 453 -18.47 8.50 -5.81
CA MET A 453 -19.01 9.50 -4.89
C MET A 453 -19.06 10.89 -5.52
N VAL A 454 -18.15 11.20 -6.43
CA VAL A 454 -18.21 12.46 -7.15
C VAL A 454 -19.36 12.44 -8.12
N LYS A 455 -19.56 11.29 -8.79
CA LYS A 455 -20.67 11.17 -9.71
C LYS A 455 -21.99 11.32 -9.00
N SER A 456 -22.15 10.66 -7.84
CA SER A 456 -23.38 10.78 -7.10
C SER A 456 -23.57 12.21 -6.64
N PHE A 457 -22.46 12.87 -6.25
CA PHE A 457 -22.55 14.26 -5.82
C PHE A 457 -23.04 15.17 -6.95
N VAL A 458 -22.55 14.94 -8.18
CA VAL A 458 -23.01 15.76 -9.29
C VAL A 458 -24.51 15.53 -9.49
N GLN A 459 -24.95 14.28 -9.35
CA GLN A 459 -26.38 14.00 -9.47
C GLN A 459 -27.17 14.74 -8.39
N TRP A 460 -26.73 14.61 -7.12
CA TRP A 460 -27.33 15.30 -5.98
C TRP A 460 -27.61 16.77 -6.29
N LEU A 461 -26.63 17.47 -6.86
CA LEU A 461 -26.82 18.88 -7.22
C LEU A 461 -27.97 19.08 -8.20
N GLY A 462 -28.27 18.08 -9.03
CA GLY A 462 -29.40 18.17 -9.95
C GLY A 462 -30.73 17.89 -9.27
N ARG A 482 -12.77 9.76 6.77
CA ARG A 482 -12.10 9.36 5.55
C ARG A 482 -10.66 9.91 5.56
N GLY A 483 -9.69 9.09 5.17
CA GLY A 483 -8.30 9.50 5.25
C GLY A 483 -7.61 9.12 6.54
N GLY A 484 -8.36 8.70 7.54
CA GLY A 484 -7.80 8.35 8.80
C GLY A 484 -7.45 9.57 9.65
N LEU A 485 -6.69 9.28 10.71
CA LEU A 485 -6.24 10.37 11.56
C LEU A 485 -5.33 11.31 10.79
N ALA A 486 -4.47 10.77 9.91
CA ALA A 486 -3.62 11.60 9.07
C ALA A 486 -4.44 12.58 8.26
N GLY A 487 -5.54 12.11 7.69
CA GLY A 487 -6.42 12.99 6.95
C GLY A 487 -7.01 14.10 7.79
N GLU A 488 -7.34 13.79 9.05
CA GLU A 488 -7.91 14.82 9.89
C GLU A 488 -6.88 15.91 10.16
N PHE A 489 -5.63 15.50 10.40
CA PHE A 489 -4.56 16.46 10.56
C PHE A 489 -4.32 17.25 9.28
N GLN A 490 -4.34 16.58 8.13
CA GLN A 490 -4.11 17.22 6.84
C GLN A 490 -5.14 18.31 6.54
N ARG A 491 -6.42 18.01 6.77
CA ARG A 491 -7.44 19.01 6.43
C ARG A 491 -7.35 20.22 7.35
N LEU A 492 -6.73 20.11 8.52
CA LEU A 492 -6.47 21.25 9.39
C LEU A 492 -5.23 22.05 8.97
N LEU A 493 -4.48 21.58 7.98
CA LEU A 493 -3.38 22.45 7.60
C LEU A 493 -3.80 23.40 6.48
N PRO A 494 -3.28 24.62 6.47
CA PRO A 494 -3.71 25.58 5.44
C PRO A 494 -3.16 25.23 4.08
N ILE A 495 -2.21 24.31 4.00
CA ILE A 495 -1.56 24.03 2.75
C ILE A 495 -2.26 22.84 2.10
N ASP A 496 -3.38 22.45 2.72
CA ASP A 496 -4.25 21.44 2.15
C ASP A 496 -4.80 21.98 0.83
N GLY A 497 -4.51 21.25 -0.25
CA GLY A 497 -5.06 21.59 -1.53
C GLY A 497 -4.46 22.83 -2.11
N ALA A 498 -3.37 23.31 -1.54
CA ALA A 498 -2.79 24.57 -1.97
C ALA A 498 -2.10 24.47 -3.33
N ASN A 499 -1.87 23.28 -3.85
CA ASN A 499 -1.33 23.10 -5.20
C ASN A 499 -2.38 22.64 -6.20
N ASP A 500 -3.65 22.54 -5.78
CA ASP A 500 -4.76 22.28 -6.67
C ASP A 500 -4.95 23.40 -7.70
N HIS B 1 -21.27 -26.40 17.82
CA HIS B 1 -20.25 -25.47 18.31
C HIS B 1 -20.41 -24.05 17.76
N PHE B 2 -19.82 -23.11 18.48
CA PHE B 2 -19.84 -21.69 18.16
C PHE B 2 -18.60 -21.40 17.30
N LEU B 3 -18.82 -20.80 16.14
CA LEU B 3 -17.71 -20.57 15.22
C LEU B 3 -17.03 -19.25 15.53
N CYS B 4 -15.73 -19.29 15.72
CA CYS B 4 -15.01 -18.06 16.05
C CYS B 4 -13.64 -18.16 15.41
N GLY B 5 -13.33 -17.19 14.56
CA GLY B 5 -12.04 -17.17 13.91
C GLY B 5 -11.96 -16.04 12.91
N VAL B 6 -11.47 -16.31 11.71
CA VAL B 6 -11.15 -15.26 10.78
C VAL B 6 -11.77 -15.59 9.43
N VAL B 7 -12.40 -14.58 8.80
CA VAL B 7 -12.75 -14.68 7.39
C VAL B 7 -11.78 -13.81 6.59
N GLU B 8 -11.13 -14.42 5.60
CA GLU B 8 -10.35 -13.63 4.65
C GLU B 8 -11.35 -13.27 3.56
N GLY B 9 -12.01 -12.12 3.72
CA GLY B 9 -13.08 -11.78 2.80
C GLY B 9 -13.03 -10.39 2.16
N PHE B 10 -11.85 -9.81 2.08
CA PHE B 10 -11.68 -8.41 1.71
C PHE B 10 -11.27 -8.31 0.26
N TYR B 11 -11.45 -7.12 -0.32
CA TYR B 11 -11.04 -6.83 -1.68
C TYR B 11 -9.54 -6.61 -1.72
N GLY B 12 -8.91 -6.99 -2.82
CA GLY B 12 -7.50 -6.69 -3.04
C GLY B 12 -6.59 -7.90 -2.94
N ARG B 13 -5.29 -7.62 -2.77
CA ARG B 13 -4.31 -8.71 -2.76
C ARG B 13 -4.63 -9.66 -1.63
N PRO B 14 -4.92 -10.91 -1.94
CA PRO B 14 -5.19 -11.89 -0.88
C PRO B 14 -3.91 -12.38 -0.23
N TRP B 15 -4.05 -13.02 0.93
CA TRP B 15 -2.89 -13.57 1.61
C TRP B 15 -2.37 -14.77 0.85
N VAL B 16 -1.08 -15.06 1.02
CA VAL B 16 -0.57 -16.23 0.33
C VAL B 16 -0.66 -17.39 1.29
N MET B 17 -0.26 -18.56 0.83
CA MET B 17 -0.50 -19.79 1.59
C MET B 17 0.34 -19.81 2.87
N GLU B 18 1.63 -19.49 2.75
CA GLU B 18 2.49 -19.40 3.93
C GLU B 18 1.88 -18.46 4.98
N GLN B 19 1.21 -17.41 4.55
CA GLN B 19 0.57 -16.53 5.54
C GLN B 19 -0.64 -17.21 6.18
N ARG B 20 -1.37 -17.99 5.39
CA ARG B 20 -2.56 -18.66 5.90
C ARG B 20 -2.18 -19.79 6.86
N LYS B 21 -1.08 -20.51 6.60
CA LYS B 21 -0.63 -21.50 7.58
C LYS B 21 -0.28 -20.83 8.89
N GLU B 22 0.39 -19.67 8.83
CA GLU B 22 0.72 -18.93 10.05
C GLU B 22 -0.52 -18.48 10.79
N LEU B 23 -1.61 -18.23 10.06
CA LEU B 23 -2.84 -17.78 10.70
C LEU B 23 -3.51 -18.92 11.47
N PHE B 24 -3.51 -20.14 10.90
CA PHE B 24 -4.05 -21.30 11.63
C PHE B 24 -3.28 -21.51 12.93
N ARG B 25 -1.94 -21.48 12.84
CA ARG B 25 -1.10 -21.57 14.04
C ARG B 25 -1.56 -20.57 15.10
N ARG B 26 -1.79 -19.32 14.69
CA ARG B 26 -2.14 -18.29 15.66
C ARG B 26 -3.54 -18.50 16.22
N LEU B 27 -4.48 -18.92 15.37
CA LEU B 27 -5.84 -19.20 15.82
C LEU B 27 -5.84 -20.29 16.87
N GLN B 28 -5.04 -21.34 16.68
CA GLN B 28 -5.01 -22.42 17.65
C GLN B 28 -4.37 -21.97 18.95
N LYS B 29 -3.24 -21.27 18.85
CA LYS B 29 -2.57 -20.74 20.04
C LYS B 29 -3.51 -19.88 20.88
N TRP B 30 -4.43 -19.17 20.23
CA TRP B 30 -5.41 -18.33 20.92
C TRP B 30 -6.77 -18.99 21.07
N GLU B 31 -6.84 -20.29 20.79
CA GLU B 31 -8.06 -21.08 21.02
C GLU B 31 -9.25 -20.60 20.19
N LEU B 32 -9.00 -20.17 18.96
CA LEU B 32 -10.07 -20.02 17.99
C LEU B 32 -10.06 -21.25 17.08
N ASN B 33 -11.12 -21.38 16.28
CA ASN B 33 -11.45 -22.65 15.65
C ASN B 33 -11.84 -22.62 14.17
N THR B 34 -11.99 -21.46 13.53
CA THR B 34 -12.62 -21.43 12.21
C THR B 34 -11.86 -20.49 11.29
N TYR B 35 -11.75 -20.89 10.01
CA TYR B 35 -11.22 -20.02 8.96
C TYR B 35 -12.18 -20.08 7.78
N LEU B 36 -12.61 -18.94 7.29
CA LEU B 36 -13.52 -18.90 6.16
C LEU B 36 -12.76 -18.29 4.98
N TYR B 37 -12.58 -19.08 3.93
CA TYR B 37 -11.86 -18.66 2.73
C TYR B 37 -12.82 -17.93 1.79
N ALA B 38 -12.60 -16.61 1.59
CA ALA B 38 -13.48 -15.82 0.73
C ALA B 38 -12.83 -14.56 0.16
N PRO B 39 -11.57 -14.61 -0.29
CA PRO B 39 -10.92 -13.38 -0.76
C PRO B 39 -11.54 -12.92 -2.07
N LYS B 40 -12.15 -11.73 -2.06
CA LYS B 40 -12.95 -11.30 -3.19
C LYS B 40 -12.17 -11.31 -4.50
N ASP B 41 -10.86 -11.11 -4.47
CA ASP B 41 -10.10 -11.02 -5.70
C ASP B 41 -9.11 -12.18 -5.90
N ASP B 42 -9.33 -13.32 -5.27
CA ASP B 42 -8.71 -14.55 -5.73
C ASP B 42 -9.63 -15.04 -6.84
N TYR B 43 -9.15 -14.99 -8.09
CA TYR B 43 -10.04 -14.98 -9.26
C TYR B 43 -10.97 -16.19 -9.32
N LYS B 44 -10.53 -17.36 -8.85
CA LYS B 44 -11.41 -18.51 -8.96
C LYS B 44 -12.49 -18.54 -7.89
N HIS B 45 -12.43 -17.64 -6.91
CA HIS B 45 -13.47 -17.62 -5.89
C HIS B 45 -14.68 -16.81 -6.33
N ARG B 46 -14.51 -15.80 -7.18
CA ARG B 46 -15.65 -14.95 -7.53
C ARG B 46 -15.72 -14.61 -9.01
N MET B 47 -14.70 -13.95 -9.56
CA MET B 47 -14.81 -13.46 -10.94
C MET B 47 -14.91 -14.63 -11.93
N PHE B 48 -14.13 -15.69 -11.71
CA PHE B 48 -14.19 -16.87 -12.56
C PHE B 48 -14.51 -18.05 -11.66
N TRP B 49 -15.66 -17.96 -11.00
CA TRP B 49 -16.07 -18.95 -10.03
C TRP B 49 -16.38 -20.29 -10.70
N ARG B 50 -16.77 -20.29 -11.97
CA ARG B 50 -17.04 -21.56 -12.64
C ARG B 50 -15.79 -22.37 -12.93
N GLU B 51 -14.60 -21.79 -12.85
CA GLU B 51 -13.42 -22.46 -13.38
C GLU B 51 -12.82 -23.41 -12.35
N MET B 52 -12.55 -24.64 -12.77
CA MET B 52 -11.83 -25.60 -11.95
C MET B 52 -10.44 -25.06 -11.60
N TYR B 53 -9.90 -25.56 -10.49
CA TYR B 53 -8.52 -25.27 -10.13
C TYR B 53 -7.58 -26.08 -10.98
N SER B 54 -6.45 -25.46 -11.37
CA SER B 54 -5.41 -26.16 -12.10
C SER B 54 -4.74 -27.16 -11.18
N VAL B 55 -3.81 -27.92 -11.76
CA VAL B 55 -3.14 -28.97 -11.00
C VAL B 55 -2.31 -28.36 -9.89
N GLU B 56 -1.65 -27.23 -10.18
CA GLU B 56 -0.80 -26.59 -9.18
C GLU B 56 -1.63 -25.85 -8.15
N GLU B 57 -2.71 -25.19 -8.59
CA GLU B 57 -3.64 -24.57 -7.64
C GLU B 57 -4.26 -25.61 -6.71
N ALA B 58 -4.64 -26.76 -7.26
CA ALA B 58 -5.22 -27.81 -6.43
C ALA B 58 -4.23 -28.32 -5.39
N GLU B 59 -2.95 -28.44 -5.76
CA GLU B 59 -1.96 -28.94 -4.81
C GLU B 59 -1.74 -27.95 -3.67
N GLN B 60 -1.76 -26.65 -3.97
CA GLN B 60 -1.63 -25.64 -2.93
C GLN B 60 -2.84 -25.65 -2.02
N LEU B 61 -4.03 -25.83 -2.61
CA LEU B 61 -5.28 -25.80 -1.86
C LEU B 61 -5.42 -27.01 -0.92
N MET B 62 -4.99 -28.19 -1.36
CA MET B 62 -5.03 -29.36 -0.49
C MET B 62 -3.98 -29.27 0.61
N THR B 63 -2.76 -28.84 0.26
CA THR B 63 -1.75 -28.59 1.28
C THR B 63 -2.25 -27.59 2.31
N LEU B 64 -3.02 -26.58 1.87
CA LEU B 64 -3.58 -25.60 2.81
C LEU B 64 -4.70 -26.19 3.66
N ILE B 65 -5.60 -26.97 3.04
CA ILE B 65 -6.68 -27.59 3.80
C ILE B 65 -6.14 -28.59 4.83
N SER B 66 -5.04 -29.27 4.50
CA SER B 66 -4.41 -30.17 5.45
C SER B 66 -3.85 -29.43 6.65
N ALA B 67 -3.28 -28.25 6.42
CA ALA B 67 -2.73 -27.48 7.53
C ALA B 67 -3.83 -27.08 8.51
N ALA B 68 -5.00 -26.69 8.00
CA ALA B 68 -6.14 -26.42 8.87
C ALA B 68 -6.52 -27.63 9.70
N ARG B 69 -6.53 -28.82 9.07
CA ARG B 69 -6.84 -30.03 9.80
C ARG B 69 -5.81 -30.27 10.88
N GLU B 70 -4.54 -30.18 10.50
CA GLU B 70 -3.41 -30.40 11.41
C GLU B 70 -3.47 -29.46 12.60
N TYR B 71 -3.94 -28.22 12.39
CA TYR B 71 -4.08 -27.23 13.46
C TYR B 71 -5.49 -27.18 14.03
N GLU B 72 -6.36 -28.13 13.67
CA GLU B 72 -7.71 -28.23 14.23
C GLU B 72 -8.49 -26.94 14.02
N ILE B 73 -8.28 -26.33 12.86
CA ILE B 73 -9.00 -25.14 12.43
C ILE B 73 -10.00 -25.59 11.38
N GLU B 74 -11.26 -25.29 11.60
CA GLU B 74 -12.24 -25.65 10.59
C GLU B 74 -12.07 -24.76 9.36
N PHE B 75 -11.92 -25.40 8.21
CA PHE B 75 -11.69 -24.73 6.94
C PHE B 75 -13.01 -24.64 6.17
N ILE B 76 -13.50 -23.42 5.96
CA ILE B 76 -14.77 -23.20 5.25
C ILE B 76 -14.45 -22.55 3.90
N TYR B 77 -14.70 -23.28 2.83
CA TYR B 77 -14.50 -22.79 1.47
C TYR B 77 -15.77 -22.08 1.01
N ALA B 78 -15.64 -20.80 0.66
CA ALA B 78 -16.77 -20.06 0.10
C ALA B 78 -16.63 -19.91 -1.42
N ILE B 79 -17.75 -19.59 -2.06
CA ILE B 79 -17.78 -19.27 -3.47
C ILE B 79 -18.83 -18.19 -3.70
N SER B 80 -18.53 -17.25 -4.62
CA SER B 80 -19.38 -16.09 -4.87
C SER B 80 -19.78 -16.15 -6.32
N PRO B 81 -20.92 -16.76 -6.62
CA PRO B 81 -21.35 -16.90 -8.02
C PRO B 81 -22.29 -15.80 -8.53
N GLY B 82 -22.71 -14.85 -7.69
CA GLY B 82 -23.86 -13.96 -7.95
C GLY B 82 -23.65 -12.85 -8.97
N LEU B 83 -22.42 -12.57 -9.40
CA LEU B 83 -22.26 -11.52 -10.42
C LEU B 83 -22.92 -11.91 -11.74
N ASP B 84 -22.78 -13.17 -12.17
CA ASP B 84 -23.24 -13.56 -13.50
C ASP B 84 -23.88 -14.95 -13.57
N ILE B 85 -24.17 -15.61 -12.45
CA ILE B 85 -24.83 -16.91 -12.51
C ILE B 85 -26.26 -16.74 -13.01
N THR B 86 -26.71 -17.67 -13.86
CA THR B 86 -28.12 -17.78 -14.22
C THR B 86 -28.71 -18.86 -13.34
N PHE B 87 -29.54 -18.46 -12.38
CA PHE B 87 -30.00 -19.38 -11.34
C PHE B 87 -30.92 -20.47 -11.90
N SER B 88 -31.66 -20.18 -12.95
CA SER B 88 -32.61 -21.15 -13.48
C SER B 88 -32.03 -22.05 -14.58
N ASN B 89 -30.76 -21.86 -14.96
CA ASN B 89 -30.15 -22.75 -15.93
C ASN B 89 -29.48 -23.92 -15.21
N PRO B 90 -29.89 -25.17 -15.45
CA PRO B 90 -29.32 -26.29 -14.69
C PRO B 90 -27.87 -26.63 -15.03
N LYS B 91 -27.30 -26.21 -16.16
CA LYS B 91 -25.88 -26.50 -16.19
C LYS B 91 -25.14 -25.51 -15.32
N GLU B 92 -25.62 -24.26 -15.24
CA GLU B 92 -25.08 -23.34 -14.24
C GLU B 92 -25.04 -24.01 -12.88
N VAL B 93 -26.14 -24.67 -12.51
CA VAL B 93 -26.20 -25.32 -11.21
C VAL B 93 -25.20 -26.47 -11.15
N SER B 94 -25.03 -27.22 -12.24
CA SER B 94 -24.08 -28.33 -12.23
C SER B 94 -22.65 -27.82 -12.20
N THR B 95 -22.37 -26.74 -12.95
CA THR B 95 -21.05 -26.12 -12.89
C THR B 95 -20.69 -25.74 -11.45
N LEU B 96 -21.67 -25.30 -10.68
CA LEU B 96 -21.42 -24.98 -9.27
C LEU B 96 -21.13 -26.24 -8.46
N LYS B 97 -21.90 -27.31 -8.68
CA LYS B 97 -21.60 -28.55 -7.97
C LYS B 97 -20.24 -29.07 -8.38
N ARG B 98 -19.98 -29.16 -9.70
CA ARG B 98 -18.67 -29.61 -10.17
C ARG B 98 -17.56 -28.85 -9.48
N LYS B 99 -17.71 -27.52 -9.37
CA LYS B 99 -16.71 -26.71 -8.69
C LYS B 99 -16.57 -27.09 -7.22
N LEU B 100 -17.68 -27.29 -6.54
CA LEU B 100 -17.60 -27.62 -5.12
C LEU B 100 -17.11 -29.06 -4.90
N ASP B 101 -17.52 -30.00 -5.77
CA ASP B 101 -17.00 -31.36 -5.71
C ASP B 101 -15.48 -31.36 -5.76
N GLN B 102 -14.90 -30.56 -6.66
CA GLN B 102 -13.45 -30.53 -6.76
C GLN B 102 -12.80 -30.12 -5.43
N VAL B 103 -13.37 -29.13 -4.74
CA VAL B 103 -12.75 -28.75 -3.47
C VAL B 103 -13.07 -29.76 -2.38
N SER B 104 -14.23 -30.43 -2.46
CA SER B 104 -14.52 -31.57 -1.60
C SER B 104 -13.39 -32.60 -1.66
N GLN B 105 -12.95 -32.91 -2.89
CA GLN B 105 -11.91 -33.91 -3.07
C GLN B 105 -10.56 -33.43 -2.59
N PHE B 106 -10.42 -32.16 -2.20
CA PHE B 106 -9.23 -31.69 -1.52
C PHE B 106 -9.27 -31.94 -0.03
N GLY B 107 -10.42 -32.36 0.52
CA GLY B 107 -10.55 -32.59 1.95
C GLY B 107 -11.53 -31.66 2.62
N CYS B 108 -12.19 -30.78 1.88
CA CYS B 108 -13.00 -29.74 2.49
C CYS B 108 -14.37 -30.27 2.87
N ARG B 109 -14.76 -30.00 4.12
CA ARG B 109 -16.07 -30.44 4.60
C ARG B 109 -17.05 -29.30 4.83
N SER B 110 -16.59 -28.05 4.85
CA SER B 110 -17.45 -26.92 5.16
C SER B 110 -17.40 -25.88 4.06
N PHE B 111 -18.57 -25.35 3.70
CA PHE B 111 -18.73 -24.54 2.52
C PHE B 111 -19.65 -23.36 2.80
N ALA B 112 -19.54 -22.34 1.94
CA ALA B 112 -20.43 -21.18 2.00
C ALA B 112 -20.74 -20.68 0.59
N LEU B 113 -21.99 -20.26 0.39
CA LEU B 113 -22.41 -19.53 -0.81
C LEU B 113 -22.61 -18.06 -0.43
N LEU B 114 -21.94 -17.17 -1.15
CA LEU B 114 -21.98 -15.76 -0.84
C LEU B 114 -22.74 -15.02 -1.93
N PHE B 115 -23.70 -14.20 -1.51
CA PHE B 115 -24.45 -13.35 -2.43
C PHE B 115 -24.34 -11.89 -2.02
N ASP B 116 -23.18 -11.48 -1.53
CA ASP B 116 -22.97 -10.10 -1.11
C ASP B 116 -22.46 -9.24 -2.27
N ASP B 117 -22.72 -7.95 -2.18
CA ASP B 117 -22.19 -6.98 -3.14
C ASP B 117 -22.53 -7.32 -4.58
N ILE B 118 -23.83 -7.55 -4.85
CA ILE B 118 -24.32 -7.79 -6.20
C ILE B 118 -25.62 -7.02 -6.41
N ASP B 119 -25.99 -6.82 -7.68
CA ASP B 119 -27.25 -6.16 -8.02
C ASP B 119 -28.40 -6.88 -7.37
N HIS B 120 -29.50 -6.16 -7.20
CA HIS B 120 -30.71 -6.77 -6.66
C HIS B 120 -31.64 -7.31 -7.74
N ASN B 121 -31.27 -7.23 -9.01
CA ASN B 121 -32.12 -7.71 -10.08
C ASN B 121 -31.61 -9.04 -10.65
N MET B 122 -32.51 -9.71 -11.35
CA MET B 122 -32.23 -10.98 -12.01
C MET B 122 -32.25 -10.77 -13.52
N CYS B 123 -31.70 -11.74 -14.24
CA CYS B 123 -31.88 -11.74 -15.68
C CYS B 123 -33.32 -12.09 -16.02
N ALA B 124 -33.69 -11.79 -17.27
CA ALA B 124 -35.07 -12.02 -17.72
C ALA B 124 -35.48 -13.47 -17.53
N ALA B 125 -34.64 -14.41 -18.00
CA ALA B 125 -34.95 -15.83 -17.89
C ALA B 125 -35.32 -16.21 -16.47
N ASP B 126 -34.61 -15.66 -15.48
CA ASP B 126 -34.80 -16.06 -14.09
C ASP B 126 -36.08 -15.49 -13.47
N LYS B 127 -36.59 -14.41 -14.03
CA LYS B 127 -37.77 -13.80 -13.45
C LYS B 127 -39.03 -14.58 -13.76
N GLU B 128 -39.03 -15.41 -14.80
CA GLU B 128 -40.20 -16.23 -15.09
C GLU B 128 -40.31 -17.39 -14.11
N VAL B 129 -39.18 -18.02 -13.74
CA VAL B 129 -39.24 -19.21 -12.90
C VAL B 129 -39.39 -18.81 -11.41
N PHE B 130 -38.51 -17.90 -10.93
CA PHE B 130 -38.55 -17.50 -9.53
C PHE B 130 -39.38 -16.23 -9.35
N SER B 131 -40.10 -16.18 -8.25
CA SER B 131 -40.96 -15.04 -7.97
C SER B 131 -40.21 -13.86 -7.40
N SER B 132 -38.95 -14.02 -6.99
CA SER B 132 -38.13 -12.96 -6.41
C SER B 132 -36.69 -13.40 -6.32
N PHE B 133 -35.83 -12.42 -6.07
CA PHE B 133 -34.40 -12.65 -5.92
C PHE B 133 -34.11 -13.58 -4.75
N ALA B 134 -34.82 -13.40 -3.64
CA ALA B 134 -34.60 -14.27 -2.49
C ALA B 134 -34.91 -15.71 -2.84
N HIS B 135 -35.96 -15.92 -3.67
CA HIS B 135 -36.34 -17.28 -4.05
C HIS B 135 -35.22 -17.97 -4.84
N ALA B 136 -34.62 -17.26 -5.79
CA ALA B 136 -33.57 -17.85 -6.62
C ALA B 136 -32.35 -18.28 -5.82
N GLN B 137 -31.94 -17.50 -4.84
CA GLN B 137 -30.71 -17.84 -4.09
C GLN B 137 -30.93 -19.01 -3.15
N VAL B 138 -32.01 -18.97 -2.34
CA VAL B 138 -32.25 -20.08 -1.42
C VAL B 138 -32.55 -21.36 -2.22
N SER B 139 -33.24 -21.24 -3.36
CA SER B 139 -33.43 -22.41 -4.20
C SER B 139 -32.12 -23.10 -4.49
N ILE B 140 -31.12 -22.36 -5.01
CA ILE B 140 -29.86 -23.03 -5.34
C ILE B 140 -29.05 -23.34 -4.09
N THR B 141 -29.20 -22.55 -3.02
CA THR B 141 -28.43 -22.84 -1.80
C THR B 141 -28.91 -24.11 -1.14
N ASN B 142 -30.23 -24.31 -1.05
CA ASN B 142 -30.76 -25.56 -0.54
C ASN B 142 -30.30 -26.73 -1.40
N GLU B 143 -30.45 -26.59 -2.72
CA GLU B 143 -30.04 -27.68 -3.62
C GLU B 143 -28.58 -28.02 -3.45
N ILE B 144 -27.71 -27.01 -3.32
CA ILE B 144 -26.31 -27.28 -3.10
C ILE B 144 -26.11 -27.94 -1.74
N TYR B 145 -26.73 -27.38 -0.70
CA TYR B 145 -26.57 -27.93 0.66
C TYR B 145 -26.79 -29.44 0.68
N GLN B 146 -27.93 -29.87 0.14
CA GLN B 146 -28.29 -31.29 0.17
C GLN B 146 -27.43 -32.09 -0.78
N TYR B 147 -27.10 -31.52 -1.94
CA TYR B 147 -26.26 -32.23 -2.89
C TYR B 147 -24.95 -32.70 -2.28
N LEU B 148 -24.41 -31.96 -1.31
CA LEU B 148 -23.13 -32.36 -0.74
C LEU B 148 -23.30 -33.11 0.56
N GLY B 149 -24.42 -33.80 0.72
CA GLY B 149 -24.58 -34.61 1.90
C GLY B 149 -24.84 -33.80 3.13
N GLU B 150 -25.42 -32.60 2.99
CA GLU B 150 -26.00 -31.86 4.10
C GLU B 150 -24.96 -31.57 5.19
N PRO B 151 -23.86 -30.89 4.84
CA PRO B 151 -22.66 -30.94 5.70
C PRO B 151 -22.70 -30.23 7.05
N GLU B 152 -21.71 -30.60 7.87
CA GLU B 152 -21.45 -30.04 9.19
C GLU B 152 -21.71 -28.53 9.28
N THR B 153 -21.00 -27.75 8.44
CA THR B 153 -21.14 -26.30 8.40
C THR B 153 -21.40 -25.85 6.97
N PHE B 154 -22.49 -25.11 6.77
CA PHE B 154 -22.80 -24.50 5.48
C PHE B 154 -23.29 -23.08 5.74
N LEU B 155 -22.63 -22.09 5.14
CA LEU B 155 -23.00 -20.69 5.38
C LEU B 155 -23.57 -20.02 4.15
N PHE B 156 -24.50 -19.12 4.39
CA PHE B 156 -25.18 -18.42 3.33
C PHE B 156 -25.05 -16.93 3.64
N CYS B 157 -24.56 -16.18 2.68
CA CYS B 157 -24.46 -14.73 2.90
C CYS B 157 -25.52 -14.03 2.05
N PRO B 158 -26.50 -13.39 2.69
CA PRO B 158 -27.55 -12.72 1.91
C PRO B 158 -27.06 -11.47 1.22
N THR B 159 -27.86 -11.01 0.25
CA THR B 159 -27.63 -9.72 -0.38
C THR B 159 -27.91 -8.57 0.60
N GLU B 160 -28.97 -8.69 1.40
CA GLU B 160 -29.22 -7.72 2.47
C GLU B 160 -28.55 -8.24 3.74
N TYR B 161 -27.26 -7.91 3.91
CA TYR B 161 -26.43 -8.50 4.95
C TYR B 161 -26.13 -7.56 6.11
N CYS B 162 -26.82 -6.42 6.20
CA CYS B 162 -26.66 -5.54 7.34
C CYS B 162 -27.88 -4.65 7.41
N GLY B 163 -28.09 -4.07 8.59
CA GLY B 163 -29.26 -3.26 8.89
C GLY B 163 -29.64 -2.28 7.81
N THR B 164 -28.69 -1.45 7.42
CA THR B 164 -28.98 -0.40 6.45
C THR B 164 -29.27 -0.96 5.05
N PHE B 165 -28.74 -2.15 4.73
CA PHE B 165 -29.00 -2.78 3.43
C PHE B 165 -30.36 -3.48 3.37
N CYS B 166 -31.15 -3.44 4.42
CA CYS B 166 -32.45 -4.10 4.40
C CYS B 166 -33.51 -3.13 3.92
N TYR B 167 -34.31 -3.58 2.95
CA TYR B 167 -35.37 -2.76 2.40
C TYR B 167 -36.77 -3.36 2.62
N PRO B 168 -37.68 -2.55 3.20
CA PRO B 168 -37.39 -1.18 3.68
C PRO B 168 -36.65 -1.15 5.00
N ASN B 169 -36.94 -2.11 5.88
CA ASN B 169 -36.20 -2.23 7.12
C ASN B 169 -35.94 -3.71 7.38
N VAL B 170 -35.36 -4.01 8.55
CA VAL B 170 -35.01 -5.38 8.86
C VAL B 170 -36.25 -6.22 9.10
N SER B 171 -37.19 -5.71 9.92
CA SER B 171 -38.38 -6.45 10.32
C SER B 171 -39.33 -6.73 9.16
N GLN B 172 -39.32 -5.92 8.11
CA GLN B 172 -40.30 -6.01 7.04
C GLN B 172 -39.68 -6.29 5.68
N SER B 173 -38.44 -6.77 5.64
CA SER B 173 -37.78 -7.04 4.36
C SER B 173 -38.37 -8.30 3.73
N PRO B 174 -39.07 -8.17 2.60
CA PRO B 174 -39.53 -9.36 1.83
C PRO B 174 -38.40 -10.25 1.31
N TYR B 175 -37.18 -9.72 1.15
CA TYR B 175 -36.01 -10.57 0.87
C TYR B 175 -35.65 -11.47 2.06
N LEU B 176 -35.51 -10.86 3.25
CA LEU B 176 -35.08 -11.60 4.47
C LEU B 176 -36.16 -12.53 5.02
N ARG B 177 -37.42 -12.09 4.98
CA ARG B 177 -38.54 -12.96 5.36
C ARG B 177 -38.54 -14.20 4.47
N THR B 178 -38.33 -14.05 3.15
CA THR B 178 -38.21 -15.23 2.30
C THR B 178 -37.02 -16.09 2.70
N VAL B 179 -35.90 -15.46 3.07
CA VAL B 179 -34.72 -16.21 3.47
C VAL B 179 -35.03 -17.04 4.72
N GLY B 180 -35.54 -16.39 5.77
CA GLY B 180 -35.86 -17.13 6.98
C GLY B 180 -36.89 -18.22 6.74
N GLU B 181 -37.89 -17.94 5.92
CA GLU B 181 -38.95 -18.91 5.69
C GLU B 181 -38.45 -20.14 4.94
N LYS B 182 -37.59 -19.95 3.95
CA LYS B 182 -37.33 -21.00 2.97
C LYS B 182 -35.89 -21.51 2.92
N LEU B 183 -34.98 -20.92 3.69
CA LEU B 183 -33.62 -21.46 3.76
C LEU B 183 -33.59 -22.59 4.79
N LEU B 184 -32.92 -23.68 4.46
CA LEU B 184 -33.04 -24.90 5.27
C LEU B 184 -32.42 -24.71 6.67
N PRO B 185 -33.03 -25.28 7.73
CA PRO B 185 -32.60 -24.93 9.08
C PRO B 185 -31.11 -25.19 9.38
N GLY B 186 -30.45 -26.14 8.73
CA GLY B 186 -29.05 -26.40 8.98
C GLY B 186 -28.08 -25.44 8.31
N ILE B 187 -28.59 -24.53 7.49
CA ILE B 187 -27.77 -23.53 6.84
C ILE B 187 -27.71 -22.28 7.72
N GLU B 188 -26.51 -21.74 7.90
CA GLU B 188 -26.32 -20.53 8.67
C GLU B 188 -26.36 -19.30 7.78
N VAL B 189 -26.70 -18.17 8.40
CA VAL B 189 -26.87 -16.88 7.73
C VAL B 189 -25.86 -15.91 8.32
N LEU B 190 -25.18 -15.21 7.43
CA LEU B 190 -24.11 -14.30 7.77
C LEU B 190 -24.68 -12.87 7.87
N TRP B 191 -24.11 -12.08 8.77
CA TRP B 191 -24.66 -10.78 9.11
C TRP B 191 -23.52 -9.92 9.61
N THR B 192 -23.45 -8.66 9.16
CA THR B 192 -22.38 -7.78 9.61
C THR B 192 -22.80 -6.82 10.71
N GLY B 193 -24.08 -6.85 11.12
CA GLY B 193 -24.60 -5.92 12.08
C GLY B 193 -25.51 -4.87 11.46
N PRO B 194 -25.69 -3.75 12.16
CA PRO B 194 -26.54 -2.67 11.62
C PRO B 194 -25.99 -2.03 10.36
N LYS B 195 -24.66 -2.02 10.21
CA LYS B 195 -23.99 -1.36 9.12
C LYS B 195 -22.98 -2.33 8.56
N VAL B 196 -22.40 -1.98 7.43
CA VAL B 196 -21.31 -2.78 6.88
C VAL B 196 -20.19 -2.90 7.90
N VAL B 197 -19.75 -1.77 8.43
CA VAL B 197 -18.77 -1.70 9.50
C VAL B 197 -19.52 -1.16 10.71
N SER B 198 -19.96 -2.04 11.60
CA SER B 198 -20.81 -1.67 12.72
C SER B 198 -19.97 -1.12 13.85
N LYS B 199 -20.27 0.10 14.31
CA LYS B 199 -19.58 0.63 15.49
C LYS B 199 -19.96 -0.18 16.71
N GLU B 200 -21.25 -0.43 16.87
CA GLU B 200 -21.78 -1.35 17.87
C GLU B 200 -22.66 -2.35 17.17
N ILE B 201 -22.84 -3.48 17.84
CA ILE B 201 -23.81 -4.52 17.47
C ILE B 201 -24.70 -4.76 18.69
N PRO B 202 -25.75 -3.97 18.88
CA PRO B 202 -26.61 -4.18 20.05
C PRO B 202 -27.31 -5.53 20.02
N VAL B 203 -27.67 -6.03 21.21
CA VAL B 203 -28.37 -7.30 21.23
C VAL B 203 -29.79 -7.15 20.69
N GLU B 204 -30.44 -5.98 20.91
CA GLU B 204 -31.79 -5.84 20.38
C GLU B 204 -31.79 -5.92 18.86
N SER B 205 -30.70 -5.49 18.22
CA SER B 205 -30.60 -5.61 16.77
C SER B 205 -30.41 -7.07 16.36
N ILE B 206 -29.75 -7.87 17.19
CA ILE B 206 -29.58 -9.30 16.87
C ILE B 206 -30.84 -10.09 17.19
N GLU B 207 -31.58 -9.75 18.24
CA GLU B 207 -32.91 -10.33 18.38
C GLU B 207 -33.79 -9.96 17.19
N GLU B 208 -33.76 -8.70 16.76
CA GLU B 208 -34.60 -8.31 15.63
C GLU B 208 -34.27 -9.14 14.38
N VAL B 209 -33.01 -9.20 13.99
CA VAL B 209 -32.68 -9.91 12.77
C VAL B 209 -32.90 -11.41 12.95
N SER B 210 -32.60 -11.95 14.14
CA SER B 210 -32.75 -13.40 14.36
C SER B 210 -34.20 -13.84 14.19
N LYS B 211 -35.14 -13.02 14.65
CA LYS B 211 -36.55 -13.37 14.54
C LYS B 211 -36.95 -13.55 13.08
N ILE B 212 -36.43 -12.70 12.19
CA ILE B 212 -36.87 -12.79 10.80
C ILE B 212 -36.06 -13.78 9.97
N ILE B 213 -34.86 -14.16 10.41
CA ILE B 213 -34.18 -15.24 9.73
C ILE B 213 -34.30 -16.55 10.47
N LYS B 214 -35.07 -16.60 11.57
CA LYS B 214 -35.42 -17.86 12.22
C LYS B 214 -34.18 -18.58 12.73
N ARG B 215 -33.10 -17.86 12.99
CA ARG B 215 -31.82 -18.43 13.34
C ARG B 215 -31.00 -17.36 14.05
N ALA B 216 -30.16 -17.80 14.99
CA ALA B 216 -29.07 -16.94 15.43
C ALA B 216 -28.08 -16.89 14.27
N PRO B 217 -27.61 -15.72 13.87
CA PRO B 217 -26.70 -15.63 12.72
C PRO B 217 -25.24 -15.70 13.13
N VAL B 218 -24.39 -15.93 12.11
CA VAL B 218 -22.95 -15.81 12.24
C VAL B 218 -22.53 -14.41 11.83
N ILE B 219 -21.78 -13.75 12.71
CA ILE B 219 -21.31 -12.39 12.46
C ILE B 219 -20.08 -12.46 11.54
N TRP B 220 -20.18 -11.79 10.40
CA TRP B 220 -19.03 -11.43 9.60
C TRP B 220 -18.69 -10.02 10.04
N ASP B 221 -17.60 -9.85 10.78
CA ASP B 221 -17.32 -8.56 11.40
C ASP B 221 -16.28 -7.76 10.59
N ASN B 222 -16.64 -6.53 10.23
CA ASN B 222 -15.77 -5.66 9.45
C ASN B 222 -15.17 -4.53 10.27
N ILE B 223 -15.15 -4.68 11.60
CA ILE B 223 -14.63 -3.65 12.48
C ILE B 223 -13.18 -3.31 12.20
N HIS B 224 -12.39 -4.28 11.79
CA HIS B 224 -10.96 -4.07 11.51
C HIS B 224 -10.63 -4.11 10.03
N ALA B 225 -11.63 -4.20 9.16
CA ALA B 225 -11.36 -4.23 7.74
C ALA B 225 -10.86 -2.85 7.29
N ASN B 226 -9.88 -2.84 6.37
CA ASN B 226 -9.31 -1.58 5.90
C ASN B 226 -9.18 -1.55 4.38
N ASP B 227 -9.93 -2.38 3.66
CA ASP B 227 -9.85 -2.41 2.19
C ASP B 227 -10.56 -1.23 1.53
N TYR B 228 -11.36 -0.45 2.26
CA TYR B 228 -12.14 0.63 1.67
C TYR B 228 -11.47 2.00 1.74
N ASP B 229 -10.23 2.09 2.24
CA ASP B 229 -9.56 3.39 2.42
C ASP B 229 -8.07 3.11 2.51
N GLN B 230 -7.36 3.40 1.44
CA GLN B 230 -5.91 3.26 1.35
C GLN B 230 -5.20 3.72 2.60
N LYS B 231 -5.65 4.83 3.19
CA LYS B 231 -4.87 5.38 4.28
C LYS B 231 -5.15 4.72 5.63
N ARG B 232 -6.11 3.79 5.74
CA ARG B 232 -6.57 3.41 7.06
C ARG B 232 -6.08 2.03 7.48
N LEU B 233 -5.94 1.87 8.79
CA LEU B 233 -5.41 0.67 9.41
C LEU B 233 -5.94 0.66 10.83
N PHE B 234 -6.29 -0.52 11.31
CA PHE B 234 -7.03 -0.61 12.57
C PHE B 234 -6.34 -1.57 13.53
N LEU B 235 -5.60 -1.03 14.48
CA LEU B 235 -4.89 -1.83 15.46
C LEU B 235 -5.54 -1.79 16.85
N GLY B 236 -6.71 -1.19 16.97
CA GLY B 236 -7.35 -1.10 18.24
C GLY B 236 -7.89 -2.44 18.69
N PRO B 237 -8.50 -2.46 19.87
CA PRO B 237 -9.09 -3.70 20.37
C PRO B 237 -10.48 -3.95 19.76
N TYR B 238 -10.91 -5.22 19.81
CA TYR B 238 -12.29 -5.57 19.49
C TYR B 238 -13.24 -4.86 20.46
N LYS B 239 -14.23 -4.17 19.92
CA LYS B 239 -15.00 -3.24 20.75
C LYS B 239 -16.37 -3.00 20.13
N GLY B 240 -17.34 -2.67 20.99
CA GLY B 240 -18.68 -2.40 20.55
C GLY B 240 -19.62 -3.58 20.48
N ARG B 241 -19.23 -4.75 20.96
CA ARG B 241 -20.09 -5.93 20.95
C ARG B 241 -20.04 -6.57 22.33
N SER B 242 -21.17 -6.55 23.04
CA SER B 242 -21.22 -7.14 24.37
C SER B 242 -21.00 -8.64 24.33
N THR B 243 -20.36 -9.15 25.37
CA THR B 243 -20.19 -10.60 25.54
C THR B 243 -21.53 -11.32 25.70
N GLU B 244 -22.61 -10.58 26.00
CA GLU B 244 -23.97 -11.10 25.97
C GLU B 244 -24.42 -11.50 24.57
N LEU B 245 -23.68 -11.11 23.52
CA LEU B 245 -24.02 -11.56 22.19
C LEU B 245 -23.67 -13.03 21.98
N ILE B 246 -22.63 -13.52 22.67
CA ILE B 246 -22.14 -14.88 22.41
C ILE B 246 -23.24 -15.94 22.47
N PRO B 247 -24.12 -15.97 23.48
CA PRO B 247 -25.20 -16.99 23.48
C PRO B 247 -26.28 -16.71 22.46
N ARG B 248 -26.39 -15.50 21.92
CA ARG B 248 -27.41 -15.17 20.94
C ARG B 248 -26.90 -15.26 19.51
N LEU B 249 -25.66 -15.72 19.35
CA LEU B 249 -24.96 -15.77 18.07
C LEU B 249 -24.48 -17.19 17.77
N LYS B 250 -24.50 -17.54 16.49
CA LYS B 250 -23.91 -18.80 16.06
C LYS B 250 -22.39 -18.71 15.88
N GLY B 251 -21.86 -17.52 15.65
CA GLY B 251 -20.41 -17.38 15.60
C GLY B 251 -20.01 -15.96 15.28
N VAL B 252 -18.70 -15.73 15.30
CA VAL B 252 -18.13 -14.43 14.98
C VAL B 252 -16.87 -14.70 14.15
N LEU B 253 -16.87 -14.25 12.89
CA LEU B 253 -15.73 -14.32 11.98
C LEU B 253 -15.29 -12.90 11.68
N THR B 254 -14.06 -12.54 12.05
CA THR B 254 -13.59 -11.18 11.80
C THR B 254 -12.88 -11.07 10.45
N ASN B 255 -13.28 -10.07 9.65
CA ASN B 255 -12.69 -9.70 8.37
C ASN B 255 -11.69 -8.57 8.64
N PRO B 256 -10.38 -8.85 8.74
CA PRO B 256 -9.46 -7.86 9.31
C PRO B 256 -8.66 -7.08 8.27
N ASN B 257 -7.59 -6.40 8.69
CA ASN B 257 -6.78 -5.62 7.77
C ASN B 257 -6.20 -6.51 6.66
N CYS B 258 -6.09 -5.93 5.46
CA CYS B 258 -5.47 -6.68 4.36
C CYS B 258 -4.01 -7.00 4.65
N GLU B 259 -3.32 -6.17 5.42
CA GLU B 259 -1.93 -6.40 5.76
C GLU B 259 -1.92 -7.46 6.86
N PHE B 260 -1.44 -8.67 6.54
CA PHE B 260 -1.50 -9.82 7.44
C PHE B 260 -0.92 -9.54 8.84
N GLU B 261 0.30 -9.01 8.90
CA GLU B 261 0.93 -8.82 10.20
C GLU B 261 0.25 -7.72 11.03
N ALA B 262 -0.55 -6.85 10.40
CA ALA B 262 -1.21 -5.81 11.18
C ALA B 262 -2.41 -6.32 11.99
N ASN B 263 -2.74 -7.62 11.93
CA ASN B 263 -3.93 -8.14 12.57
C ASN B 263 -3.62 -8.93 13.85
N TYR B 264 -2.42 -8.78 14.41
CA TYR B 264 -2.13 -9.43 15.68
C TYR B 264 -3.15 -9.01 16.74
N VAL B 265 -3.33 -7.70 16.92
CA VAL B 265 -4.27 -7.21 17.94
C VAL B 265 -5.71 -7.52 17.55
N ALA B 266 -6.03 -7.40 16.27
CA ALA B 266 -7.41 -7.63 15.86
C ALA B 266 -7.85 -9.04 16.22
N ILE B 267 -6.97 -10.02 16.07
CA ILE B 267 -7.31 -11.40 16.35
C ILE B 267 -7.11 -11.76 17.82
N HIS B 268 -6.06 -11.23 18.43
CA HIS B 268 -5.84 -11.47 19.86
C HIS B 268 -7.01 -10.97 20.70
N THR B 269 -7.50 -9.76 20.42
CA THR B 269 -8.58 -9.25 21.26
C THR B 269 -9.89 -9.97 20.96
N LEU B 270 -10.08 -10.44 19.74
CA LEU B 270 -11.25 -11.26 19.48
C LEU B 270 -11.19 -12.52 20.30
N ALA B 271 -10.01 -13.16 20.33
CA ALA B 271 -9.79 -14.33 21.17
C ALA B 271 -10.14 -14.06 22.63
N THR B 272 -9.53 -13.03 23.23
CA THR B 272 -9.81 -12.68 24.63
C THR B 272 -11.30 -12.42 24.84
N TRP B 273 -11.94 -11.72 23.91
CA TRP B 273 -13.37 -11.41 24.02
C TRP B 273 -14.23 -12.67 23.96
N TYR B 274 -13.78 -13.68 23.22
CA TYR B 274 -14.50 -14.95 23.12
C TYR B 274 -14.56 -15.68 24.46
N LYS B 275 -13.84 -15.19 25.49
CA LYS B 275 -13.93 -15.73 26.84
C LYS B 275 -14.53 -14.65 27.76
N TYR B 316 -15.38 -8.42 29.94
CA TYR B 316 -14.46 -8.01 28.88
C TYR B 316 -14.26 -6.51 28.86
N SER B 317 -13.00 -6.08 28.96
CA SER B 317 -12.64 -4.67 28.89
C SER B 317 -11.75 -4.41 27.68
N PRO B 318 -12.16 -3.53 26.76
CA PRO B 318 -11.34 -3.32 25.55
C PRO B 318 -9.92 -2.83 25.84
N GLN B 319 -9.76 -1.94 26.81
CA GLN B 319 -8.44 -1.41 27.12
C GLN B 319 -7.54 -2.49 27.69
N MET B 320 -8.10 -3.34 28.55
CA MET B 320 -7.29 -4.39 29.17
C MET B 320 -6.91 -5.44 28.13
N ALA B 321 -7.85 -5.79 27.25
CA ALA B 321 -7.55 -6.68 26.14
C ALA B 321 -6.46 -6.12 25.24
N LEU B 322 -6.50 -4.81 24.96
CA LEU B 322 -5.45 -4.20 24.15
C LEU B 322 -4.08 -4.31 24.82
N LYS B 323 -4.01 -4.05 26.14
CA LYS B 323 -2.72 -4.16 26.84
C LYS B 323 -2.14 -5.56 26.74
N LEU B 324 -2.99 -6.59 26.92
CA LEU B 324 -2.49 -7.95 26.75
C LEU B 324 -2.02 -8.17 25.32
N ALA B 325 -2.76 -7.70 24.32
CA ALA B 325 -2.36 -7.93 22.93
C ALA B 325 -1.07 -7.17 22.58
N LEU B 326 -0.97 -5.91 23.03
CA LEU B 326 0.23 -5.13 22.70
C LEU B 326 1.46 -5.65 23.42
N THR B 327 1.29 -6.09 24.68
CA THR B 327 2.41 -6.66 25.42
C THR B 327 2.93 -7.92 24.74
N GLU B 328 2.03 -8.83 24.37
CA GLU B 328 2.46 -10.07 23.72
C GLU B 328 3.02 -9.78 22.33
N TRP B 329 2.42 -8.79 21.63
CA TRP B 329 2.92 -8.43 20.32
C TRP B 329 4.35 -7.91 20.38
N LEU B 330 4.71 -7.25 21.48
CA LEU B 330 5.98 -6.54 21.54
C LEU B 330 7.17 -7.45 21.25
N GLN B 331 7.15 -8.64 21.79
CA GLN B 331 8.40 -9.39 21.65
C GLN B 331 8.50 -10.18 20.36
N GLU B 332 7.57 -9.98 19.45
CA GLU B 332 7.75 -10.50 18.12
C GLU B 332 8.47 -9.49 17.26
N PHE B 333 8.93 -8.38 17.85
CA PHE B 333 9.68 -7.37 17.13
C PHE B 333 11.19 -7.48 17.28
N GLY B 334 11.70 -7.97 18.40
CA GLY B 334 13.14 -7.98 18.63
C GLY B 334 13.92 -9.13 18.01
N SER B 352 15.40 0.09 19.94
CA SER B 352 14.43 -0.96 19.69
C SER B 352 13.03 -0.61 20.22
N VAL B 353 12.01 -1.25 19.64
CA VAL B 353 10.62 -0.89 19.86
C VAL B 353 10.23 -1.16 21.31
N THR B 354 9.55 -0.18 21.93
CA THR B 354 9.04 -0.28 23.30
C THR B 354 7.53 -0.51 23.30
N LEU B 355 7.01 -0.86 24.47
CA LEU B 355 5.57 -0.96 24.60
C LEU B 355 4.91 0.39 24.37
N GLU B 356 5.55 1.45 24.83
CA GLU B 356 5.00 2.79 24.68
C GLU B 356 4.87 3.15 23.20
N ASP B 357 5.88 2.78 22.41
CA ASP B 357 5.81 2.94 20.96
C ASP B 357 4.58 2.24 20.39
N LEU B 358 4.36 0.97 20.79
CA LEU B 358 3.21 0.25 20.26
C LEU B 358 1.91 0.85 20.76
N GLN B 359 1.87 1.29 22.02
CA GLN B 359 0.68 2.02 22.48
C GLN B 359 0.37 3.21 21.57
N LEU B 360 1.39 4.01 21.25
CA LEU B 360 1.14 5.16 20.41
C LEU B 360 0.66 4.74 19.02
N LEU B 361 1.33 3.74 18.43
CA LEU B 361 0.99 3.24 17.09
C LEU B 361 -0.43 2.73 17.02
N ALA B 362 -0.86 1.94 18.01
CA ALA B 362 -2.25 1.50 18.00
C ALA B 362 -3.20 2.68 18.14
N ASP B 363 -2.80 3.68 18.91
CA ASP B 363 -3.70 4.81 19.12
C ASP B 363 -3.77 5.72 17.90
N LEU B 364 -2.73 5.74 17.07
CA LEU B 364 -2.85 6.48 15.82
C LEU B 364 -3.64 5.74 14.74
N PHE B 365 -3.70 4.40 14.84
CA PHE B 365 -4.41 3.57 13.89
C PHE B 365 -5.30 2.65 14.71
N TYR B 366 -6.43 3.18 15.17
CA TYR B 366 -7.17 2.52 16.24
C TYR B 366 -8.34 1.71 15.66
N LEU B 367 -9.48 2.35 15.44
CA LEU B 367 -10.73 1.72 15.02
C LEU B 367 -11.50 2.63 14.06
N PRO B 368 -12.49 2.08 13.33
CA PRO B 368 -13.08 2.87 12.23
C PRO B 368 -13.78 4.14 12.67
N TYR B 369 -14.29 4.19 13.90
CA TYR B 369 -15.00 5.37 14.39
C TYR B 369 -14.33 5.99 15.60
N GLU B 370 -13.11 5.59 15.94
CA GLU B 370 -12.48 6.08 17.15
C GLU B 370 -10.97 6.08 16.97
N HIS B 371 -10.31 7.18 17.34
CA HIS B 371 -8.87 7.19 17.52
C HIS B 371 -8.55 6.75 18.96
N GLY B 372 -7.33 6.29 19.16
CA GLY B 372 -6.88 5.94 20.48
C GLY B 372 -6.74 7.18 21.32
N PRO B 373 -6.64 7.01 22.65
CA PRO B 373 -6.48 8.18 23.52
C PRO B 373 -5.32 9.10 23.13
N LYS B 374 -4.12 8.54 22.91
CA LYS B 374 -2.98 9.40 22.59
C LYS B 374 -3.12 10.11 21.26
N GLY B 375 -3.90 9.54 20.34
CA GLY B 375 -4.15 10.17 19.07
C GLY B 375 -5.18 11.25 19.16
N ALA B 376 -6.23 11.00 19.93
CA ALA B 376 -7.26 12.02 20.12
C ALA B 376 -6.69 13.25 20.82
N GLN B 377 -5.86 13.05 21.85
CA GLN B 377 -5.26 14.19 22.55
C GLN B 377 -4.43 15.07 21.61
N MET B 378 -3.53 14.47 20.81
CA MET B 378 -2.73 15.29 19.91
C MET B 378 -3.61 16.07 18.94
N LEU B 379 -4.73 15.48 18.54
CA LEU B 379 -5.62 16.18 17.63
C LEU B 379 -6.33 17.33 18.34
N ARG B 380 -6.76 17.12 19.59
CA ARG B 380 -7.38 18.22 20.35
C ARG B 380 -6.38 19.33 20.62
N GLU B 381 -5.18 18.98 21.09
CA GLU B 381 -4.15 19.99 21.32
C GLU B 381 -3.91 20.79 20.06
N PHE B 382 -3.82 20.11 18.92
CA PHE B 382 -3.59 20.83 17.68
C PHE B 382 -4.77 21.74 17.34
N GLN B 383 -6.01 21.28 17.52
CA GLN B 383 -7.15 22.15 17.24
C GLN B 383 -7.20 23.33 18.20
N TRP B 384 -6.88 23.10 19.48
CA TRP B 384 -6.83 24.23 20.40
C TRP B 384 -5.71 25.22 20.03
N LEU B 385 -4.53 24.70 19.65
CA LEU B 385 -3.42 25.57 19.30
C LEU B 385 -3.73 26.42 18.09
N ARG B 386 -4.30 25.80 17.05
CA ARG B 386 -4.66 26.56 15.85
C ARG B 386 -5.68 27.64 16.19
N ALA B 387 -6.74 27.27 16.92
CA ALA B 387 -7.82 28.21 17.22
C ALA B 387 -7.32 29.40 18.04
N ASN B 388 -6.50 29.13 19.04
CA ASN B 388 -5.99 30.16 19.94
C ASN B 388 -4.69 30.78 19.45
N SER B 389 -4.38 30.71 18.16
CA SER B 389 -3.04 31.12 17.76
C SER B 389 -2.92 32.63 17.54
N SER B 390 -4.04 33.34 17.45
CA SER B 390 -3.98 34.80 17.29
C SER B 390 -3.14 35.49 18.36
N VAL B 391 -3.16 34.96 19.59
CA VAL B 391 -2.45 35.62 20.69
C VAL B 391 -0.95 35.62 20.47
N VAL B 392 -0.49 35.07 19.36
CA VAL B 392 0.92 35.15 19.02
C VAL B 392 1.04 35.78 17.63
N LYS B 403 -3.84 33.29 28.20
CA LYS B 403 -2.60 34.05 28.12
C LYS B 403 -1.65 33.48 27.07
N ILE B 404 -0.70 34.29 26.66
CA ILE B 404 0.26 33.82 25.67
C ILE B 404 1.24 32.80 26.25
N GLU B 405 1.47 32.82 27.56
CA GLU B 405 2.33 31.82 28.19
C GLU B 405 1.71 30.41 28.16
N GLU B 406 0.38 30.32 28.08
CA GLU B 406 -0.25 29.00 28.01
C GLU B 406 -0.13 28.42 26.60
N TRP B 407 -0.27 29.27 25.58
CA TRP B 407 -0.10 28.82 24.20
C TRP B 407 1.29 28.22 23.99
N ARG B 408 2.33 28.96 24.38
CA ARG B 408 3.69 28.47 24.17
C ARG B 408 3.99 27.24 25.01
N SER B 409 3.43 27.17 26.21
CA SER B 409 3.66 26.02 27.07
C SER B 409 3.06 24.77 26.45
N ARG B 410 1.87 24.90 25.89
CA ARG B 410 1.22 23.76 25.27
C ARG B 410 1.75 23.50 23.86
N ALA B 411 2.33 24.51 23.20
CA ALA B 411 3.01 24.29 21.92
C ALA B 411 4.27 23.48 22.10
N ALA B 412 5.07 23.79 23.13
CA ALA B 412 6.26 23.00 23.39
C ALA B 412 5.91 21.56 23.76
N LYS B 413 4.89 21.37 24.61
CA LYS B 413 4.45 20.02 24.96
C LYS B 413 3.91 19.29 23.74
N PHE B 414 3.24 20.03 22.85
CA PHE B 414 2.73 19.37 21.66
C PHE B 414 3.87 18.92 20.77
N GLU B 415 4.94 19.71 20.69
CA GLU B 415 6.05 19.31 19.84
C GLU B 415 6.77 18.10 20.40
N GLU B 416 6.87 18.01 21.73
CA GLU B 416 7.51 16.84 22.31
C GLU B 416 6.71 15.56 22.03
N MET B 417 5.38 15.65 21.89
CA MET B 417 4.59 14.47 21.58
C MET B 417 4.81 14.06 20.13
N CYS B 418 4.93 15.05 19.23
CA CYS B 418 5.29 14.76 17.85
C CYS B 418 6.62 14.04 17.78
N GLY B 419 7.56 14.42 18.65
CA GLY B 419 8.82 13.72 18.70
C GLY B 419 8.65 12.25 19.02
N LEU B 420 7.65 11.91 19.84
CA LEU B 420 7.46 10.51 20.16
C LEU B 420 6.92 9.73 18.96
N VAL B 421 6.21 10.40 18.05
CA VAL B 421 5.83 9.73 16.81
C VAL B 421 7.04 9.53 15.92
N MET B 422 7.94 10.52 15.87
CA MET B 422 9.17 10.42 15.09
C MET B 422 10.02 9.26 15.59
N GLY B 423 10.21 9.18 16.92
CA GLY B 423 11.03 8.14 17.53
C GLY B 423 10.41 6.76 17.47
N MET B 424 9.08 6.67 17.55
CA MET B 424 8.41 5.42 17.27
C MET B 424 8.76 4.89 15.88
N PHE B 425 8.63 5.75 14.85
CA PHE B 425 8.94 5.34 13.49
C PHE B 425 10.39 4.93 13.37
N THR B 426 11.28 5.68 14.00
CA THR B 426 12.69 5.33 13.89
C THR B 426 12.95 3.95 14.48
N ARG B 427 12.35 3.64 15.62
CA ARG B 427 12.70 2.36 16.22
C ARG B 427 12.01 1.20 15.53
N LEU B 428 10.78 1.38 15.07
CA LEU B 428 10.20 0.36 14.20
C LEU B 428 11.11 0.07 13.02
N SER B 429 11.69 1.13 12.43
CA SER B 429 12.48 0.95 11.21
C SER B 429 13.72 0.10 11.45
N ASN B 430 14.23 0.06 12.70
CA ASN B 430 15.39 -0.75 13.05
C ASN B 430 15.04 -2.13 13.61
N CYS B 431 13.78 -2.51 13.63
CA CYS B 431 13.42 -3.75 14.32
C CYS B 431 13.78 -4.98 13.47
N ALA B 432 13.92 -6.13 14.17
CA ALA B 432 14.37 -7.34 13.49
C ALA B 432 13.28 -7.96 12.62
N ASN B 433 12.01 -7.87 13.01
CA ASN B 433 10.93 -8.48 12.24
C ASN B 433 10.60 -7.57 11.05
N ARG B 434 11.24 -7.87 9.93
CA ARG B 434 11.05 -7.08 8.72
C ARG B 434 9.69 -7.35 8.10
N THR B 435 9.17 -8.59 8.23
CA THR B 435 7.81 -8.88 7.76
C THR B 435 6.82 -7.91 8.38
N ILE B 436 6.84 -7.80 9.71
CA ILE B 436 5.92 -6.88 10.36
C ILE B 436 6.13 -5.45 9.86
N LEU B 437 7.39 -5.04 9.69
CA LEU B 437 7.65 -3.67 9.29
C LEU B 437 7.10 -3.40 7.88
N TYR B 438 7.27 -4.36 6.96
CA TYR B 438 6.84 -4.12 5.59
C TYR B 438 5.33 -4.02 5.50
N ASP B 439 4.60 -4.86 6.25
CA ASP B 439 3.14 -4.77 6.23
C ASP B 439 2.67 -3.39 6.66
N MET B 440 3.43 -2.71 7.52
CA MET B 440 2.93 -1.48 8.09
C MET B 440 3.67 -0.23 7.67
N TYR B 441 4.72 -0.38 6.86
CA TYR B 441 5.64 0.73 6.61
C TYR B 441 4.92 1.97 6.09
N SER B 442 4.07 1.80 5.06
CA SER B 442 3.48 2.96 4.44
C SER B 442 2.60 3.73 5.41
N TYR B 443 1.89 3.02 6.27
CA TYR B 443 1.06 3.67 7.27
C TYR B 443 1.89 4.45 8.28
N VAL B 444 3.02 3.87 8.68
CA VAL B 444 3.80 4.54 9.72
C VAL B 444 4.52 5.76 9.15
N TRP B 445 5.09 5.63 7.96
CA TRP B 445 5.71 6.79 7.31
C TRP B 445 4.68 7.86 7.00
N ASP B 446 3.47 7.46 6.60
CA ASP B 446 2.42 8.44 6.38
C ASP B 446 2.22 9.31 7.63
N ILE B 447 1.92 8.69 8.78
CA ILE B 447 1.61 9.47 9.98
C ILE B 447 2.85 10.21 10.49
N LYS B 448 4.03 9.61 10.38
CA LYS B 448 5.24 10.33 10.75
C LYS B 448 5.37 11.62 9.95
N SER B 449 5.25 11.54 8.62
CA SER B 449 5.55 12.73 7.86
C SER B 449 4.47 13.79 8.03
N ILE B 450 3.21 13.41 8.23
CA ILE B 450 2.18 14.44 8.48
C ILE B 450 2.39 15.07 9.86
N MET B 451 2.75 14.27 10.87
CA MET B 451 3.02 14.85 12.19
C MET B 451 4.19 15.80 12.12
N SER B 452 5.18 15.48 11.29
CA SER B 452 6.33 16.36 11.21
C SER B 452 5.97 17.69 10.57
N MET B 453 5.06 17.67 9.57
CA MET B 453 4.64 18.94 9.01
C MET B 453 3.72 19.69 9.97
N VAL B 454 2.96 18.95 10.79
CA VAL B 454 2.14 19.57 11.82
C VAL B 454 3.03 20.22 12.87
N LYS B 455 4.09 19.53 13.30
CA LYS B 455 5.01 20.13 14.26
C LYS B 455 5.62 21.41 13.68
N SER B 456 6.00 21.36 12.41
CA SER B 456 6.55 22.53 11.75
C SER B 456 5.51 23.65 11.67
N PHE B 457 4.25 23.31 11.42
CA PHE B 457 3.23 24.35 11.38
C PHE B 457 3.03 25.01 12.75
N VAL B 458 3.09 24.24 13.83
CA VAL B 458 2.92 24.85 15.15
C VAL B 458 4.09 25.78 15.43
N GLN B 459 5.30 25.33 15.10
CA GLN B 459 6.46 26.18 15.26
C GLN B 459 6.33 27.45 14.45
N TRP B 460 5.78 27.35 13.24
CA TRP B 460 5.59 28.55 12.41
C TRP B 460 4.60 29.50 13.08
N LEU B 461 3.45 28.99 13.55
CA LEU B 461 2.52 29.83 14.29
C LEU B 461 3.16 30.53 15.48
N GLY B 462 4.16 29.92 16.13
CA GLY B 462 4.75 30.56 17.29
C GLY B 462 5.73 31.65 16.93
N CYS B 463 6.25 31.61 15.72
CA CYS B 463 7.27 32.52 15.20
C CYS B 463 6.68 33.78 14.55
N ARG B 464 5.33 33.91 14.51
CA ARG B 464 4.70 35.03 13.82
C ARG B 464 4.81 36.36 14.57
N SER B 465 5.20 36.36 15.85
CA SER B 465 5.51 37.59 16.56
C SER B 465 6.92 38.09 16.29
N HIS B 466 7.65 37.41 15.39
CA HIS B 466 8.97 37.89 14.98
C HIS B 466 9.25 37.58 13.52
N SER B 467 8.24 37.19 12.73
CA SER B 467 8.43 36.96 11.30
C SER B 467 7.08 37.07 10.58
N SER B 468 7.14 37.57 9.35
CA SER B 468 5.96 37.65 8.50
C SER B 468 6.06 36.71 7.32
N ALA B 469 7.02 35.79 7.32
CA ALA B 469 7.19 34.91 6.19
C ALA B 469 6.06 33.90 6.13
N GLN B 470 5.69 33.54 4.91
CA GLN B 470 4.69 32.51 4.68
C GLN B 470 5.19 31.16 5.20
N PHE B 471 4.24 30.27 5.51
CA PHE B 471 4.59 28.97 6.05
C PHE B 471 5.41 28.14 5.06
N LEU B 472 4.97 28.07 3.82
CA LEU B 472 5.77 27.50 2.74
C LEU B 472 6.42 28.65 1.99
N ILE B 473 7.74 28.69 2.01
CA ILE B 473 8.45 29.67 1.21
C ILE B 473 9.04 28.96 0.01
N GLY B 474 8.68 29.45 -1.17
CA GLY B 474 9.35 29.04 -2.39
C GLY B 474 8.84 27.72 -2.94
N ASP B 475 9.73 27.08 -3.69
CA ASP B 475 9.38 25.93 -4.49
C ASP B 475 9.36 24.67 -3.63
N GLN B 476 8.37 23.82 -3.85
CA GLN B 476 8.17 22.69 -2.97
C GLN B 476 8.42 21.35 -3.69
N GLU B 477 8.86 20.39 -2.90
CA GLU B 477 8.87 19.01 -3.28
C GLU B 477 7.45 18.49 -3.36
N PRO B 478 7.20 17.41 -4.12
CA PRO B 478 5.82 16.96 -4.32
C PRO B 478 5.13 16.50 -3.05
N TRP B 479 5.85 16.07 -2.02
CA TRP B 479 5.20 15.57 -0.82
C TRP B 479 4.59 16.65 0.07
N ALA B 480 4.93 17.92 -0.11
CA ALA B 480 4.23 18.96 0.66
C ALA B 480 2.74 19.04 0.30
N PHE B 481 2.34 18.52 -0.85
CA PHE B 481 0.96 18.56 -1.33
C PHE B 481 0.49 17.13 -1.54
N ARG B 482 -0.45 16.69 -0.72
CA ARG B 482 -0.69 15.28 -0.48
C ARG B 482 -1.97 14.77 -1.14
N GLY B 483 -1.95 13.48 -1.50
CA GLY B 483 -3.11 12.77 -2.00
C GLY B 483 -3.23 12.55 -3.50
N GLY B 484 -2.48 13.24 -4.33
CA GLY B 484 -2.67 12.94 -5.74
C GLY B 484 -3.99 13.48 -6.24
N LEU B 485 -4.39 12.97 -7.41
CA LEU B 485 -5.63 13.37 -8.04
C LEU B 485 -6.84 13.03 -7.18
N ALA B 486 -6.80 11.85 -6.54
CA ALA B 486 -7.86 11.47 -5.62
C ALA B 486 -8.05 12.54 -4.56
N GLY B 487 -6.95 13.04 -3.99
CA GLY B 487 -7.04 14.10 -2.99
C GLY B 487 -7.69 15.36 -3.51
N GLU B 488 -7.43 15.71 -4.77
CA GLU B 488 -8.02 16.91 -5.33
C GLU B 488 -9.54 16.77 -5.47
N PHE B 489 -10.00 15.57 -5.86
CA PHE B 489 -11.42 15.30 -5.93
C PHE B 489 -12.05 15.35 -4.54
N GLN B 490 -11.41 14.74 -3.54
CA GLN B 490 -12.02 14.73 -2.21
C GLN B 490 -12.21 16.15 -1.67
N ARG B 491 -11.24 17.04 -1.85
CA ARG B 491 -11.37 18.39 -1.28
C ARG B 491 -12.49 19.19 -1.93
N LEU B 492 -12.93 18.81 -3.11
CA LEU B 492 -14.10 19.45 -3.71
C LEU B 492 -15.40 18.95 -3.11
N LEU B 493 -15.35 17.99 -2.21
CA LEU B 493 -16.51 17.44 -1.56
C LEU B 493 -16.70 18.07 -0.19
C1 NHT C . 15.54 10.60 -2.02
C2 NHT C . 15.70 9.36 -1.12
C3 NHT C . 15.34 8.13 -1.90
C4 NHT C . 13.91 8.24 -2.03
C5 NHT C . 13.61 9.38 -3.06
C6 NHT C . 12.11 9.49 -3.23
C7 NHT C . 17.96 9.81 -2.20
C10 NHT C . 20.35 9.67 -4.68
N2 NHT C . 17.35 9.07 -1.06
O3 NHT C . 15.61 6.90 -1.23
O4 NHT C . 13.35 6.99 -2.39
O5 NHT C . 14.14 10.65 -2.55
N1 NHT C . 19.37 9.85 -2.51
O6 NHT C . 11.50 9.64 -1.92
S1 NHT C . 16.82 10.56 -3.04
C9 NHT C . 19.75 10.63 -3.67
C1 NHT D . -18.38 -5.80 2.71
C2 NHT D . -17.66 -6.56 1.59
C3 NHT D . -16.38 -7.18 2.09
C4 NHT D . -15.46 -6.11 2.51
C5 NHT D . -16.15 -5.28 3.68
C6 NHT D . -15.36 -4.09 4.25
C7 NHT D . -19.38 -8.14 2.59
C10 NHT D . -20.66 -10.49 4.75
N2 NHT D . -18.52 -7.98 1.40
O3 NHT D . -15.78 -8.02 1.06
O4 NHT D . -14.22 -6.67 2.90
O5 NHT D . -17.43 -4.77 3.21
N1 NHT D . -20.27 -9.25 2.73
O6 NHT D . -14.75 -3.18 3.31
S1 NHT D . -19.16 -6.92 3.65
C9 NHT D . -21.05 -9.29 3.92
#